data_2NY6
#
_entry.id   2NY6
#
_cell.length_a   72.310
_cell.length_b   87.018
_cell.length_c   196.078
_cell.angle_alpha   90.000
_cell.angle_beta   90.000
_cell.angle_gamma   90.000
#
_symmetry.space_group_name_H-M   'P 2 2 21'
#
loop_
_entity.id
_entity.type
_entity.pdbx_description
1 polymer 'ENVELOPE GLYCOPROTEIN GP120'
2 polymer 'T-cell surface glycoprotein CD4'
3 polymer 'ANTIBODY 17B, LIGHT CHAIN'
4 polymer 'ANTIBODY 17B, HEAVY CHAIN'
5 branched beta-D-fructofuranose-(2-1)-alpha-D-glucopyranose
6 non-polymer 2-acetamido-2-deoxy-beta-D-glucopyranose
7 water water
#
loop_
_entity_poly.entity_id
_entity_poly.type
_entity_poly.pdbx_seq_one_letter_code
_entity_poly.pdbx_strand_id
1 'polypeptide(L)'
;EVVLVNVTENFNWCKNDMVEQMHEDICSLWDQSLKPCVKLCPLCVGAGSCNTSVITQACPKVSFEPIPIHYCAPAGFAIL
KCNNKTFNGTGPCTNVSTVQCTHGIRPVVSSQLLLNGSLAEEEVVIRSCNFTDNAKTIIVQLNTSVEINCTGAGHCNIAR
AKWNNTLKQIASKLREQFGNNKTIIFKQSSGGDPEIVTHWFNCGGEFFYCNSTQLFNSTWFNSTWSTEGSNNTEGSDTIT
LPCRIKQIINMWCKVCKAMYAPPISGQIRCSSNITGLLLTRDGGNSNNESEIFRPGGGDMRDNWRSELYKYKVVKIE
;
A
2 'polypeptide(L)'
;MKKVVLGKKGDTVELTCTASQKKSIQFHWKNSNQIKILGNQGSFLTKGPSKLNDRADSRRSLWDQGNFPLIIKNLKIEDS
DTYICEVEDQKEEVQLLVFGLTANSDTHLLQGQSLTLTLESPPGSSPSVQCRSPRGKNIQGGKTLSVSQLELQDSGTWTC
TVLQNQKKVEFKIDIVVLAFQKAS
;
B
3 'polypeptide(L)'
;DIVMTQSPATLSVSPGERATLSCRASESVSSDLAWYQQKPGQAPRLLIYGASTRATGVPARFSGSGSGAEFTLTISSLQS
EDFAVYYCQQYNNWPPRYTFGQGTRLEIKRTVAAPSVFIFPPSDEQLKSGTASVVCLLNNFYPREAKVQWKVDNALQSGN
SQESVTEQDSKDSTYSLSSTLTLSKADYEKHKVYACEVTHQGLSSPVTKSFNRG
;
C
4 'polypeptide(L)'
;EVQLVESGAEVKKPGSSVKVSCKASGDTFIRYSFTWVRQAPGQGLEWMGRIITILDVAHYAPHLQGRVTITADKSTSTVY
LELRNLRSDDTAVYFCAGVYEGEADEGEYDNNGFLKHWGQGTLVTVSSASTKGPSVFPLAPSSKSTSGGTAALGCLVKDY
FPEPVTVSWNSGALTSGVHTFPAVLQSSGLYSLSSVVTVPSSSLGTQTYICNVNHKPSNTKVDKKVEPK
;
D
#
loop_
_chem_comp.id
_chem_comp.type
_chem_comp.name
_chem_comp.formula
FRU D-saccharide, beta linking beta-D-fructofuranose 'C6 H12 O6'
GLC D-saccharide, alpha linking alpha-D-glucopyranose 'C6 H12 O6'
NAG D-saccharide, beta linking 2-acetamido-2-deoxy-beta-D-glucopyranose 'C8 H15 N O6'
#
# COMPACT_ATOMS: atom_id res chain seq x y z
N GLU A 1 -33.64 39.87 -20.85
CA GLU A 1 -34.92 39.43 -21.47
C GLU A 1 -36.10 40.30 -21.01
N VAL A 2 -35.83 41.20 -20.06
CA VAL A 2 -36.78 42.24 -19.66
C VAL A 2 -36.11 43.22 -18.68
N VAL A 3 -35.95 44.47 -19.11
CA VAL A 3 -35.23 45.47 -18.33
C VAL A 3 -36.16 46.28 -17.40
N LEU A 4 -36.37 45.76 -16.19
CA LEU A 4 -37.23 46.41 -15.21
C LEU A 4 -36.78 47.84 -14.89
N VAL A 5 -37.68 48.80 -15.07
CA VAL A 5 -37.37 50.20 -14.79
C VAL A 5 -37.97 50.66 -13.46
N ASN A 6 -37.42 51.74 -12.91
CA ASN A 6 -37.85 52.24 -11.60
C ASN A 6 -37.81 51.12 -10.57
N VAL A 7 -36.79 50.27 -10.68
CA VAL A 7 -36.67 49.10 -9.82
C VAL A 7 -35.28 48.98 -9.22
N THR A 8 -35.24 48.83 -7.89
CA THR A 8 -33.97 48.68 -7.16
C THR A 8 -33.94 47.36 -6.39
N GLU A 9 -32.94 46.53 -6.69
CA GLU A 9 -32.86 45.17 -6.13
C GLU A 9 -31.59 44.84 -5.35
N ASN A 10 -31.75 44.53 -4.07
CA ASN A 10 -30.61 44.13 -3.26
C ASN A 10 -30.03 42.83 -3.77
N PHE A 11 -28.70 42.79 -3.87
CA PHE A 11 -28.02 41.56 -4.19
C PHE A 11 -27.05 41.26 -3.07
N ASN A 12 -26.79 39.98 -2.83
CA ASN A 12 -25.71 39.59 -1.94
C ASN A 12 -25.13 38.29 -2.43
N TRP A 13 -24.15 38.42 -3.31
CA TRP A 13 -23.54 37.27 -3.97
C TRP A 13 -23.06 36.24 -2.97
N CYS A 14 -22.90 36.67 -1.73
CA CYS A 14 -22.35 35.83 -0.67
C CYS A 14 -23.40 34.93 -0.02
N LYS A 15 -24.66 35.11 -0.38
CA LYS A 15 -25.71 34.22 0.08
C LYS A 15 -26.63 33.91 -1.09
N ASN A 16 -26.09 33.20 -2.07
CA ASN A 16 -26.84 32.89 -3.27
C ASN A 16 -27.11 31.39 -3.43
N ASP A 17 -28.41 31.05 -3.43
CA ASP A 17 -28.83 29.65 -3.55
C ASP A 17 -28.20 28.99 -4.77
N MET A 18 -28.06 29.76 -5.83
CA MET A 18 -27.58 29.23 -7.08
C MET A 18 -26.22 28.61 -6.91
N VAL A 19 -25.35 29.29 -6.17
CA VAL A 19 -24.00 28.79 -5.96
C VAL A 19 -24.04 27.35 -5.43
N GLU A 20 -24.75 27.17 -4.34
CA GLU A 20 -24.91 25.86 -3.73
C GLU A 20 -25.48 24.86 -4.72
N GLN A 21 -26.47 25.30 -5.49
CA GLN A 21 -27.10 24.44 -6.46
C GLN A 21 -26.10 24.01 -7.50
N MET A 22 -25.48 24.98 -8.14
CA MET A 22 -24.51 24.68 -9.17
C MET A 22 -23.55 23.67 -8.59
N HIS A 23 -23.02 23.96 -7.41
CA HIS A 23 -22.02 23.12 -6.80
C HIS A 23 -22.48 21.67 -6.70
N GLU A 24 -23.72 21.44 -6.29
CA GLU A 24 -24.23 20.08 -6.17
C GLU A 24 -24.35 19.42 -7.54
N ASP A 25 -24.69 20.23 -8.54
CA ASP A 25 -24.83 19.74 -9.90
C ASP A 25 -23.49 19.33 -10.47
N ILE A 26 -22.52 20.22 -10.35
CA ILE A 26 -21.16 19.97 -10.80
C ILE A 26 -20.62 18.69 -10.16
N CYS A 27 -20.42 18.74 -8.84
CA CYS A 27 -19.99 17.58 -8.10
C CYS A 27 -20.65 16.33 -8.63
N SER A 28 -21.97 16.41 -8.78
CA SER A 28 -22.76 15.28 -9.23
C SER A 28 -22.38 14.81 -10.64
N LEU A 29 -21.99 15.76 -11.48
CA LEU A 29 -21.66 15.46 -12.85
C LEU A 29 -20.28 14.81 -12.94
N TRP A 30 -19.33 15.28 -12.13
CA TRP A 30 -18.00 14.68 -12.10
C TRP A 30 -18.07 13.24 -11.60
N ASP A 31 -18.71 13.06 -10.45
CA ASP A 31 -18.97 11.72 -9.95
C ASP A 31 -19.47 10.78 -11.04
N GLN A 32 -20.46 11.23 -11.81
CA GLN A 32 -21.03 10.44 -12.90
C GLN A 32 -20.04 10.25 -14.05
N SER A 33 -19.23 11.26 -14.30
CA SER A 33 -18.37 11.26 -15.47
C SER A 33 -17.01 10.62 -15.24
N LEU A 34 -16.43 10.88 -14.07
CA LEU A 34 -15.02 10.58 -13.83
C LEU A 34 -14.82 9.74 -12.57
N LYS A 35 -14.92 8.43 -12.70
CA LYS A 35 -14.97 7.53 -11.54
C LYS A 35 -13.64 6.90 -11.18
N PRO A 36 -13.29 6.89 -9.89
CA PRO A 36 -12.03 6.32 -9.43
C PRO A 36 -12.08 4.81 -9.24
N CYS A 37 -10.89 4.21 -9.15
CA CYS A 37 -10.75 2.77 -8.99
C CYS A 37 -10.87 2.44 -7.52
N VAL A 38 -10.58 3.43 -6.69
CA VAL A 38 -10.75 3.29 -5.25
C VAL A 38 -11.12 4.64 -4.66
N LYS A 39 -12.12 4.65 -3.78
CA LYS A 39 -12.59 5.88 -3.17
C LYS A 39 -12.71 5.73 -1.67
N LEU A 40 -11.84 6.38 -0.93
CA LEU A 40 -11.84 6.28 0.52
C LEU A 40 -12.57 7.44 1.16
N CYS A 41 -13.64 7.14 1.89
CA CYS A 41 -14.42 8.16 2.58
C CYS A 41 -14.67 7.73 4.02
N PRO A 42 -14.22 8.54 4.99
CA PRO A 42 -14.32 8.15 6.40
C PRO A 42 -15.67 8.52 6.97
N LEU A 43 -16.24 7.65 7.80
CA LEU A 43 -17.46 7.92 8.54
C LEU A 43 -17.20 7.78 10.04
N CYS A 44 -17.65 8.75 10.85
CA CYS A 44 -17.12 8.91 12.21
C CYS A 44 -18.05 8.71 13.41
N VAL A 45 -17.64 9.31 14.52
CA VAL A 45 -18.31 9.18 15.81
C VAL A 45 -18.65 7.73 16.14
N GLY A 46 -19.83 7.30 15.68
CA GLY A 46 -20.28 5.92 15.90
C GLY A 46 -19.21 5.01 16.47
N ALA A 47 -19.45 4.53 17.69
CA ALA A 47 -18.52 3.63 18.38
C ALA A 47 -17.36 4.38 19.03
N GLY A 48 -16.22 4.40 18.34
CA GLY A 48 -15.03 5.10 18.82
C GLY A 48 -14.09 5.41 17.68
N SER A 49 -13.75 4.39 16.90
CA SER A 49 -12.94 4.57 15.70
C SER A 49 -13.67 5.47 14.71
N CYS A 50 -13.19 5.47 13.48
CA CYS A 50 -13.87 6.15 12.39
C CYS A 50 -13.94 5.25 11.17
N ASN A 51 -14.90 4.33 11.22
CA ASN A 51 -15.11 3.35 10.17
C ASN A 51 -15.03 3.99 8.78
N THR A 52 -13.90 3.80 8.11
CA THR A 52 -13.68 4.34 6.77
C THR A 52 -14.36 3.47 5.72
N SER A 53 -15.18 4.10 4.86
CA SER A 53 -15.91 3.38 3.83
C SER A 53 -15.12 3.34 2.52
N VAL A 54 -15.03 2.16 1.92
CA VAL A 54 -14.26 1.96 0.69
C VAL A 54 -15.14 1.51 -0.47
N ILE A 55 -15.02 2.18 -1.61
CA ILE A 55 -15.67 1.76 -2.86
C ILE A 55 -14.62 1.48 -3.93
N THR A 56 -14.55 0.22 -4.36
CA THR A 56 -13.69 -0.18 -5.48
C THR A 56 -14.54 -0.38 -6.73
N GLN A 57 -14.11 0.19 -7.85
CA GLN A 57 -14.88 0.08 -9.09
C GLN A 57 -14.03 0.21 -10.34
N ALA A 58 -14.55 -0.28 -11.45
CA ALA A 58 -13.91 -0.09 -12.74
C ALA A 58 -13.83 1.41 -13.00
N CYS A 59 -12.71 1.86 -13.57
CA CYS A 59 -12.46 3.29 -13.70
C CYS A 59 -12.06 3.66 -15.14
N PRO A 60 -13.01 3.57 -16.08
CA PRO A 60 -12.72 3.88 -17.48
C PRO A 60 -12.07 5.25 -17.60
N LYS A 61 -11.01 5.35 -18.40
CA LYS A 61 -10.33 6.62 -18.65
C LYS A 61 -11.23 7.50 -19.49
N VAL A 62 -11.55 8.69 -19.00
CA VAL A 62 -12.40 9.58 -19.77
C VAL A 62 -11.91 11.01 -19.72
N SER A 63 -11.51 11.51 -20.89
CA SER A 63 -11.10 12.90 -21.00
C SER A 63 -11.86 13.57 -22.13
N PHE A 64 -12.45 14.72 -21.84
CA PHE A 64 -13.08 15.53 -22.87
C PHE A 64 -13.36 16.91 -22.31
N GLU A 65 -13.37 17.91 -23.18
CA GLU A 65 -13.58 19.27 -22.74
C GLU A 65 -15.00 19.47 -22.19
N PRO A 66 -15.10 19.65 -20.85
CA PRO A 66 -16.37 20.00 -20.23
C PRO A 66 -17.11 21.09 -21.03
N ILE A 67 -18.33 20.78 -21.45
CA ILE A 67 -19.20 21.75 -22.12
C ILE A 67 -19.81 22.71 -21.09
N PRO A 68 -20.14 23.93 -21.52
CA PRO A 68 -20.68 24.95 -20.63
C PRO A 68 -21.99 24.51 -20.03
N ILE A 69 -22.18 24.85 -18.76
CA ILE A 69 -23.43 24.56 -18.08
C ILE A 69 -24.16 25.87 -17.94
N HIS A 70 -25.33 25.95 -18.57
CA HIS A 70 -26.26 27.04 -18.35
C HIS A 70 -27.11 26.63 -17.14
N TYR A 71 -27.40 27.57 -16.27
CA TYR A 71 -28.24 27.28 -15.11
C TYR A 71 -29.56 28.05 -15.23
N CYS A 72 -30.67 27.35 -14.98
CA CYS A 72 -32.00 27.96 -15.19
C CYS A 72 -32.87 27.99 -13.92
N ALA A 73 -33.97 28.73 -13.98
CA ALA A 73 -34.84 28.91 -12.83
C ALA A 73 -35.73 27.70 -12.60
N PRO A 74 -35.72 27.16 -11.37
CA PRO A 74 -36.56 26.01 -11.03
C PRO A 74 -38.01 26.41 -10.87
N ALA A 75 -38.93 25.48 -11.16
CA ALA A 75 -40.35 25.74 -11.03
C ALA A 75 -40.57 26.58 -9.77
N GLY A 76 -41.22 27.73 -9.92
CA GLY A 76 -41.56 28.58 -8.77
C GLY A 76 -40.72 29.82 -8.59
N PHE A 77 -39.54 29.87 -9.21
CA PHE A 77 -38.62 30.97 -8.99
C PHE A 77 -38.28 31.78 -10.24
N ALA A 78 -37.46 32.82 -10.08
CA ALA A 78 -37.09 33.70 -11.19
C ALA A 78 -35.63 34.15 -11.10
N ILE A 79 -34.96 34.29 -12.24
CA ILE A 79 -33.56 34.73 -12.25
C ILE A 79 -33.42 36.22 -12.58
N LEU A 80 -32.98 36.99 -11.62
CA LEU A 80 -32.68 38.39 -11.87
C LEU A 80 -31.19 38.52 -12.13
N LYS A 81 -30.84 39.34 -13.11
CA LYS A 81 -29.46 39.60 -13.52
C LYS A 81 -29.18 41.10 -13.45
N CYS A 82 -27.99 41.47 -12.99
CA CYS A 82 -27.61 42.88 -12.94
C CYS A 82 -26.80 43.28 -14.17
N ASN A 83 -27.22 44.36 -14.82
CA ASN A 83 -26.61 44.75 -16.09
C ASN A 83 -25.46 45.75 -16.02
N ASN A 84 -25.08 46.16 -14.81
CA ASN A 84 -23.86 46.96 -14.64
C ASN A 84 -22.64 46.28 -15.25
N LYS A 85 -21.74 47.08 -15.81
CA LYS A 85 -20.49 46.53 -16.34
C LYS A 85 -19.58 46.17 -15.16
N THR A 86 -19.29 47.15 -14.31
CA THR A 86 -18.63 46.89 -13.03
C THR A 86 -19.72 46.74 -11.96
N PHE A 87 -19.50 45.84 -11.01
CA PHE A 87 -20.52 45.48 -10.04
C PHE A 87 -19.92 44.63 -8.91
N ASN A 88 -20.12 45.06 -7.67
CA ASN A 88 -19.51 44.39 -6.52
C ASN A 88 -20.38 43.31 -5.87
N GLY A 89 -21.49 42.97 -6.52
CA GLY A 89 -22.36 41.88 -6.06
C GLY A 89 -23.11 42.14 -4.77
N THR A 90 -23.00 43.36 -4.25
CA THR A 90 -23.62 43.73 -2.98
C THR A 90 -24.42 45.02 -3.09
N GLY A 91 -25.62 45.02 -2.53
CA GLY A 91 -26.40 46.23 -2.45
C GLY A 91 -27.40 46.38 -3.57
N PRO A 92 -27.80 47.62 -3.87
CA PRO A 92 -28.78 47.93 -4.89
C PRO A 92 -28.22 47.88 -6.31
N CYS A 93 -29.03 47.44 -7.26
CA CYS A 93 -28.71 47.48 -8.68
C CYS A 93 -29.97 47.94 -9.42
N THR A 94 -29.81 48.87 -10.35
CA THR A 94 -30.96 49.43 -11.05
C THR A 94 -31.05 49.05 -12.54
N ASN A 95 -29.91 48.74 -13.16
CA ASN A 95 -29.88 48.21 -14.52
C ASN A 95 -30.00 46.68 -14.44
N VAL A 96 -31.22 46.20 -14.26
CA VAL A 96 -31.47 44.78 -14.02
C VAL A 96 -32.61 44.19 -14.86
N SER A 97 -32.63 42.87 -14.97
CA SER A 97 -33.64 42.18 -15.77
C SER A 97 -33.87 40.72 -15.37
N THR A 98 -34.94 40.15 -15.90
CA THR A 98 -35.23 38.72 -15.75
C THR A 98 -34.65 38.00 -16.95
N VAL A 99 -34.35 36.71 -16.78
CA VAL A 99 -33.79 35.95 -17.89
C VAL A 99 -34.15 34.47 -17.78
N GLN A 100 -34.24 33.82 -18.94
CA GLN A 100 -34.48 32.37 -18.97
C GLN A 100 -33.45 31.70 -18.07
N CYS A 101 -32.20 31.67 -18.55
CA CYS A 101 -31.11 31.06 -17.81
C CYS A 101 -29.90 31.97 -17.78
N THR A 102 -28.90 31.57 -17.01
CA THR A 102 -27.63 32.28 -16.94
C THR A 102 -26.82 31.99 -18.21
N HIS A 103 -25.67 32.64 -18.35
CA HIS A 103 -24.80 32.38 -19.49
C HIS A 103 -24.16 31.00 -19.36
N GLY A 104 -23.56 30.52 -20.44
CA GLY A 104 -22.84 29.25 -20.40
C GLY A 104 -21.68 29.36 -19.43
N ILE A 105 -21.48 28.34 -18.62
CA ILE A 105 -20.40 28.37 -17.64
C ILE A 105 -19.57 27.09 -17.60
N ARG A 106 -18.30 27.23 -17.97
CA ARG A 106 -17.35 26.13 -17.88
C ARG A 106 -17.23 25.69 -16.43
N PRO A 107 -17.69 24.48 -16.12
CA PRO A 107 -17.53 23.91 -14.80
C PRO A 107 -16.09 23.46 -14.58
N VAL A 108 -15.16 24.40 -14.70
CA VAL A 108 -13.74 24.10 -14.53
C VAL A 108 -13.42 23.85 -13.07
N VAL A 109 -12.63 22.81 -12.83
CA VAL A 109 -12.21 22.49 -11.48
C VAL A 109 -10.76 22.87 -11.27
N SER A 110 -10.51 23.79 -10.35
CA SER A 110 -9.15 24.21 -10.14
C SER A 110 -8.92 25.06 -8.91
N SER A 111 -7.65 25.20 -8.55
CA SER A 111 -7.23 26.06 -7.45
C SER A 111 -6.44 27.24 -8.00
N GLN A 112 -6.20 28.23 -7.13
CA GLN A 112 -5.33 29.36 -7.46
C GLN A 112 -5.76 30.22 -8.64
N LEU A 113 -5.91 29.58 -9.80
CA LEU A 113 -6.26 30.30 -11.01
C LEU A 113 -7.63 29.88 -11.48
N LEU A 114 -8.35 30.82 -12.09
CA LEU A 114 -9.66 30.55 -12.68
C LEU A 114 -9.51 30.50 -14.18
N LEU A 115 -9.72 29.32 -14.75
CA LEU A 115 -9.46 29.10 -16.17
C LEU A 115 -10.71 29.18 -17.03
N ASN A 116 -10.57 29.76 -18.22
CA ASN A 116 -11.66 29.73 -19.18
C ASN A 116 -12.96 30.39 -18.70
N GLY A 117 -12.84 31.46 -17.91
CA GLY A 117 -14.01 32.13 -17.35
C GLY A 117 -14.29 33.47 -18.00
N SER A 118 -15.30 34.17 -17.48
CA SER A 118 -15.67 35.50 -18.02
C SER A 118 -14.67 36.55 -17.58
N LEU A 119 -14.32 37.45 -18.50
CA LEU A 119 -13.43 38.56 -18.18
C LEU A 119 -14.26 39.76 -17.73
N ALA A 120 -13.66 40.64 -16.92
CA ALA A 120 -14.34 41.85 -16.50
C ALA A 120 -14.39 42.83 -17.66
N GLU A 121 -15.52 43.50 -17.84
CA GLU A 121 -15.75 44.28 -19.04
C GLU A 121 -15.09 45.65 -19.07
N GLU A 122 -14.36 46.01 -18.02
CA GLU A 122 -13.73 47.31 -17.99
C GLU A 122 -12.32 47.22 -17.45
N GLU A 123 -12.23 47.22 -16.13
CA GLU A 123 -10.94 47.15 -15.47
C GLU A 123 -10.86 45.88 -14.66
N VAL A 124 -9.69 45.57 -14.12
CA VAL A 124 -9.56 44.43 -13.23
C VAL A 124 -10.39 44.69 -11.98
N VAL A 125 -11.03 43.64 -11.48
CA VAL A 125 -11.93 43.74 -10.34
C VAL A 125 -11.67 42.69 -9.28
N ILE A 126 -11.60 43.11 -8.02
CA ILE A 126 -11.31 42.20 -6.92
C ILE A 126 -12.50 42.13 -5.97
N ARG A 127 -12.76 40.94 -5.44
CA ARG A 127 -13.99 40.68 -4.68
C ARG A 127 -13.72 39.90 -3.41
N SER A 128 -14.49 40.20 -2.36
CA SER A 128 -14.45 39.42 -1.13
C SER A 128 -15.76 39.57 -0.37
N CYS A 129 -16.07 38.59 0.46
CA CYS A 129 -17.23 38.66 1.33
C CYS A 129 -16.81 39.26 2.66
N ASN A 130 -15.68 39.95 2.65
CA ASN A 130 -15.12 40.55 3.85
C ASN A 130 -13.63 40.69 3.66
N PHE A 131 -13.24 41.83 3.09
CA PHE A 131 -11.85 42.15 2.86
C PHE A 131 -11.06 42.23 4.17
N THR A 132 -11.70 42.72 5.21
CA THR A 132 -11.10 42.88 6.54
C THR A 132 -10.68 41.53 7.12
N ASP A 133 -11.46 40.51 6.81
CA ASP A 133 -11.18 39.16 7.28
C ASP A 133 -10.08 38.55 6.43
N ASN A 134 -8.91 38.33 7.02
CA ASN A 134 -7.78 37.77 6.29
C ASN A 134 -7.95 36.28 6.02
N ALA A 135 -9.16 35.77 6.22
CA ALA A 135 -9.41 34.35 6.05
C ALA A 135 -10.33 34.08 4.87
N LYS A 136 -10.97 35.13 4.36
CA LYS A 136 -11.87 34.97 3.24
C LYS A 136 -11.15 35.11 1.91
N THR A 137 -11.55 34.31 0.93
CA THR A 137 -10.94 34.32 -0.39
C THR A 137 -11.11 35.66 -1.10
N ILE A 138 -10.04 36.17 -1.70
CA ILE A 138 -10.15 37.27 -2.62
C ILE A 138 -10.22 36.77 -4.06
N ILE A 139 -11.32 37.10 -4.73
CA ILE A 139 -11.56 36.69 -6.10
C ILE A 139 -11.14 37.81 -7.02
N VAL A 140 -10.11 37.57 -7.81
CA VAL A 140 -9.75 38.55 -8.83
C VAL A 140 -10.37 38.17 -10.18
N GLN A 141 -10.77 39.18 -10.93
CA GLN A 141 -11.24 38.96 -12.29
C GLN A 141 -10.64 39.95 -13.29
N LEU A 142 -10.05 39.40 -14.35
CA LEU A 142 -9.24 40.18 -15.27
C LEU A 142 -10.06 40.69 -16.45
N ASN A 143 -9.60 41.78 -17.05
CA ASN A 143 -10.20 42.27 -18.29
C ASN A 143 -9.42 41.77 -19.50
N THR A 144 -8.28 41.14 -19.25
CA THR A 144 -7.45 40.56 -20.32
C THR A 144 -7.06 39.14 -19.98
N SER A 145 -7.20 38.22 -20.95
CA SER A 145 -6.78 36.84 -20.72
C SER A 145 -5.27 36.70 -20.67
N VAL A 146 -4.78 35.69 -19.97
CA VAL A 146 -3.37 35.31 -20.02
C VAL A 146 -3.28 33.82 -20.35
N GLU A 147 -2.66 33.49 -21.48
CA GLU A 147 -2.55 32.09 -21.88
C GLU A 147 -1.71 31.31 -20.90
N ILE A 148 -2.11 30.09 -20.63
CA ILE A 148 -1.26 29.19 -19.89
C ILE A 148 -1.37 27.82 -20.55
N ASN A 149 -0.25 27.33 -21.06
CA ASN A 149 -0.24 26.06 -21.79
C ASN A 149 0.43 24.97 -20.96
N CYS A 150 -0.26 23.85 -20.75
CA CYS A 150 0.28 22.74 -19.97
C CYS A 150 0.35 21.43 -20.74
N THR A 151 1.24 20.57 -20.28
CA THR A 151 1.50 19.32 -20.99
C THR A 151 1.79 18.19 -20.02
N GLY A 152 1.37 16.98 -20.41
CA GLY A 152 1.62 15.78 -19.61
C GLY A 152 3.11 15.51 -19.41
N ALA A 153 3.94 16.15 -20.24
CA ALA A 153 5.39 16.05 -20.10
C ALA A 153 5.84 16.73 -18.81
N GLY A 154 4.92 17.45 -18.19
CA GLY A 154 5.11 17.90 -16.81
C GLY A 154 5.41 19.36 -16.61
N HIS A 155 4.76 20.24 -17.40
CA HIS A 155 4.98 21.68 -17.23
C HIS A 155 3.90 22.58 -17.84
N CYS A 156 3.92 23.83 -17.38
CA CYS A 156 3.03 24.88 -17.85
C CYS A 156 3.85 26.11 -18.23
N ASN A 157 3.54 26.67 -19.39
CA ASN A 157 4.21 27.87 -19.84
C ASN A 157 3.31 29.07 -19.71
N ILE A 158 3.92 30.22 -19.47
CA ILE A 158 3.22 31.51 -19.37
C ILE A 158 4.12 32.67 -19.77
N ALA A 159 3.62 33.56 -20.62
CA ALA A 159 4.39 34.73 -21.03
C ALA A 159 4.67 35.60 -19.82
N ARG A 160 5.95 35.82 -19.53
CA ARG A 160 6.34 36.54 -18.33
C ARG A 160 5.85 37.98 -18.33
N ALA A 161 5.98 38.64 -19.47
CA ALA A 161 5.59 40.04 -19.56
C ALA A 161 4.07 40.22 -19.36
N LYS A 162 3.29 39.38 -20.01
CA LYS A 162 1.85 39.41 -19.82
C LYS A 162 1.51 39.24 -18.36
N TRP A 163 2.07 38.22 -17.74
CA TRP A 163 1.82 38.02 -16.32
C TRP A 163 2.35 39.21 -15.55
N ASN A 164 3.65 39.43 -15.64
CA ASN A 164 4.28 40.55 -14.97
C ASN A 164 3.36 41.75 -15.08
N ASN A 165 2.70 41.85 -16.21
CA ASN A 165 1.86 43.01 -16.45
C ASN A 165 0.50 42.88 -15.80
N THR A 166 0.02 41.65 -15.68
CA THR A 166 -1.23 41.39 -15.01
C THR A 166 -1.06 41.74 -13.53
N LEU A 167 0.04 41.28 -12.93
CA LEU A 167 0.32 41.57 -11.54
C LEU A 167 0.31 43.08 -11.25
N LYS A 168 0.79 43.89 -12.18
CA LYS A 168 0.76 45.33 -11.98
C LYS A 168 -0.69 45.79 -11.81
N GLN A 169 -1.55 45.33 -12.71
CA GLN A 169 -2.96 45.73 -12.69
C GLN A 169 -3.66 45.35 -11.38
N ILE A 170 -3.22 44.26 -10.74
CA ILE A 170 -3.82 43.81 -9.49
C ILE A 170 -3.27 44.52 -8.26
N ALA A 171 -1.96 44.45 -8.08
CA ALA A 171 -1.32 45.12 -6.95
C ALA A 171 -1.89 46.52 -6.88
N SER A 172 -2.07 47.11 -8.05
CA SER A 172 -2.68 48.42 -8.14
C SER A 172 -4.06 48.43 -7.49
N LYS A 173 -4.96 47.57 -7.98
CA LYS A 173 -6.33 47.47 -7.45
C LYS A 173 -6.33 47.05 -5.98
N LEU A 174 -5.28 46.37 -5.57
CA LEU A 174 -5.19 45.95 -4.19
C LEU A 174 -4.90 47.14 -3.27
N ARG A 175 -3.87 47.93 -3.56
CA ARG A 175 -3.54 49.07 -2.72
C ARG A 175 -4.61 50.15 -2.79
N GLU A 176 -5.53 49.99 -3.74
CA GLU A 176 -6.69 50.86 -3.83
C GLU A 176 -7.69 50.48 -2.74
N GLN A 177 -7.69 49.21 -2.36
CA GLN A 177 -8.59 48.68 -1.34
C GLN A 177 -7.97 48.65 0.06
N PHE A 178 -6.64 48.67 0.15
CA PHE A 178 -5.94 48.59 1.44
C PHE A 178 -5.02 49.76 1.74
N GLY A 179 -5.28 50.92 1.14
CA GLY A 179 -4.46 52.11 1.36
C GLY A 179 -3.37 52.26 0.31
N ASN A 180 -3.27 53.46 -0.24
CA ASN A 180 -2.37 53.72 -1.36
C ASN A 180 -0.92 53.96 -0.96
N ASN A 181 -0.62 53.76 0.32
CA ASN A 181 0.74 53.90 0.80
C ASN A 181 1.31 52.51 1.01
N LYS A 182 0.47 51.51 0.80
CA LYS A 182 0.78 50.11 1.09
C LYS A 182 1.54 49.39 -0.01
N THR A 183 2.56 48.63 0.37
CA THR A 183 3.34 47.85 -0.56
C THR A 183 2.68 46.50 -0.81
N ILE A 184 2.50 46.12 -2.07
CA ILE A 184 1.85 44.86 -2.41
C ILE A 184 2.89 43.79 -2.71
N ILE A 185 2.86 42.70 -1.96
CA ILE A 185 3.78 41.59 -2.16
C ILE A 185 3.03 40.32 -2.53
N PHE A 186 3.64 39.54 -3.43
CA PHE A 186 3.11 38.22 -3.76
C PHE A 186 4.09 37.14 -3.31
N LYS A 187 3.57 36.15 -2.57
CA LYS A 187 4.36 34.99 -2.18
C LYS A 187 3.61 33.70 -2.51
N GLN A 188 4.36 32.59 -2.53
CA GLN A 188 3.80 31.27 -2.75
C GLN A 188 2.77 30.89 -1.69
N SER A 189 1.95 29.89 -1.99
CA SER A 189 1.03 29.30 -1.00
C SER A 189 1.80 29.03 0.28
N SER A 190 1.15 29.21 1.42
CA SER A 190 1.80 29.00 2.70
C SER A 190 1.62 27.60 3.30
N GLY A 191 1.02 26.67 2.55
CA GLY A 191 0.90 25.30 3.02
C GLY A 191 -0.49 24.71 2.94
N GLY A 192 -0.62 23.45 3.36
CA GLY A 192 -1.88 22.73 3.23
C GLY A 192 -1.82 21.63 2.20
N ASP A 193 -2.97 21.09 1.84
CA ASP A 193 -3.03 20.01 0.86
C ASP A 193 -2.40 20.45 -0.46
N PRO A 194 -1.74 19.51 -1.17
CA PRO A 194 -1.16 19.81 -2.48
C PRO A 194 -2.10 20.56 -3.40
N GLU A 195 -3.37 20.20 -3.40
CA GLU A 195 -4.34 20.82 -4.30
C GLU A 195 -4.50 22.33 -4.06
N ILE A 196 -4.27 22.75 -2.81
CA ILE A 196 -4.33 24.16 -2.41
C ILE A 196 -2.97 24.85 -2.54
N VAL A 197 -1.90 24.07 -2.42
CA VAL A 197 -0.54 24.60 -2.40
C VAL A 197 -0.06 24.79 -3.82
N THR A 198 -0.48 23.89 -4.70
CA THR A 198 -0.13 24.01 -6.11
C THR A 198 -1.35 24.50 -6.87
N HIS A 199 -1.14 24.96 -8.10
CA HIS A 199 -2.26 25.26 -9.01
C HIS A 199 -2.71 23.93 -9.59
N TRP A 200 -3.81 23.44 -9.06
CA TRP A 200 -4.28 22.11 -9.34
C TRP A 200 -5.50 22.24 -10.22
N PHE A 201 -5.51 21.49 -11.31
CA PHE A 201 -6.63 21.54 -12.24
C PHE A 201 -6.73 20.19 -12.91
N ASN A 202 -7.88 19.93 -13.53
CA ASN A 202 -8.05 18.70 -14.27
C ASN A 202 -7.83 18.96 -15.75
N CYS A 203 -7.51 17.92 -16.50
CA CYS A 203 -7.15 18.06 -17.91
C CYS A 203 -6.86 16.69 -18.49
N GLY A 204 -7.49 16.36 -19.62
CA GLY A 204 -7.36 15.03 -20.18
C GLY A 204 -7.84 13.98 -19.20
N GLY A 205 -8.65 14.40 -18.23
CA GLY A 205 -9.09 13.51 -17.17
C GLY A 205 -8.04 13.29 -16.10
N GLU A 206 -6.88 13.92 -16.26
CA GLU A 206 -5.77 13.77 -15.32
C GLU A 206 -5.66 14.99 -14.43
N PHE A 207 -5.19 14.79 -13.20
CA PHE A 207 -5.11 15.92 -12.27
C PHE A 207 -3.71 16.51 -12.21
N PHE A 208 -3.61 17.76 -12.62
CA PHE A 208 -2.33 18.45 -12.61
C PHE A 208 -2.08 19.18 -11.32
N TYR A 209 -0.80 19.24 -10.96
CA TYR A 209 -0.35 19.92 -9.78
C TYR A 209 0.93 20.67 -10.13
N CYS A 210 0.83 22.00 -10.23
CA CYS A 210 1.93 22.84 -10.75
C CYS A 210 2.50 23.82 -9.74
N ASN A 211 3.81 23.74 -9.54
CA ASN A 211 4.52 24.66 -8.67
C ASN A 211 4.43 26.12 -9.14
N SER A 212 3.52 26.88 -8.55
CA SER A 212 3.27 28.25 -8.99
C SER A 212 4.12 29.32 -8.30
N THR A 213 5.04 28.89 -7.46
CA THR A 213 5.91 29.85 -6.76
C THR A 213 6.40 30.93 -7.70
N GLN A 214 6.88 30.52 -8.87
CA GLN A 214 7.38 31.49 -9.84
C GLN A 214 6.39 32.59 -10.19
N LEU A 215 5.10 32.33 -10.01
CA LEU A 215 4.11 33.32 -10.38
C LEU A 215 3.85 34.32 -9.27
N PHE A 216 4.13 33.90 -8.03
CA PHE A 216 3.83 34.72 -6.87
C PHE A 216 5.08 34.96 -6.08
N ASN A 217 5.97 35.76 -6.67
CA ASN A 217 7.22 36.12 -6.06
C ASN A 217 7.60 37.54 -6.48
N SER A 218 6.90 38.55 -5.96
CA SER A 218 7.24 39.93 -6.32
C SER A 218 6.69 41.01 -5.39
N THR A 219 7.34 42.17 -5.43
CA THR A 219 7.04 43.30 -4.54
C THR A 219 6.76 44.56 -5.33
N TRP A 220 5.60 45.17 -5.08
CA TRP A 220 5.15 46.30 -5.89
C TRP A 220 4.98 47.56 -5.07
N PHE A 221 5.23 48.71 -5.72
CA PHE A 221 5.10 50.03 -5.11
C PHE A 221 6.01 50.18 -3.90
N ASN A 222 7.11 49.44 -3.91
CA ASN A 222 8.04 49.39 -2.78
C ASN A 222 8.65 50.74 -2.40
N GLY A 235 13.32 39.32 -16.94
CA GLY A 235 14.50 38.46 -17.02
C GLY A 235 14.40 37.40 -18.10
N SER A 236 13.97 36.20 -17.71
CA SER A 236 13.72 35.13 -18.68
C SER A 236 12.40 35.40 -19.36
N ASP A 237 12.18 34.79 -20.51
CA ASP A 237 11.02 35.14 -21.34
C ASP A 237 9.69 34.52 -20.95
N THR A 238 9.61 33.19 -21.03
CA THR A 238 8.36 32.48 -20.79
C THR A 238 8.44 31.63 -19.52
N ILE A 239 7.63 31.95 -18.52
CA ILE A 239 7.65 31.22 -17.26
C ILE A 239 7.21 29.76 -17.39
N THR A 240 8.14 28.84 -17.11
CA THR A 240 7.87 27.41 -17.23
C THR A 240 7.63 26.84 -15.82
N LEU A 241 6.42 26.34 -15.57
CA LEU A 241 6.07 25.74 -14.28
C LEU A 241 6.27 24.23 -14.19
N PRO A 242 7.02 23.76 -13.20
CA PRO A 242 7.13 22.33 -13.02
C PRO A 242 5.80 21.76 -12.58
N CYS A 243 5.39 20.63 -13.18
CA CYS A 243 4.13 20.00 -12.80
C CYS A 243 4.26 18.51 -12.59
N ARG A 244 3.11 17.88 -12.36
CA ARG A 244 3.07 16.48 -11.97
C ARG A 244 1.62 16.04 -12.04
N ILE A 245 1.35 14.94 -12.72
CA ILE A 245 0.04 14.28 -12.60
C ILE A 245 0.11 13.43 -11.34
N LYS A 246 -0.99 13.32 -10.62
CA LYS A 246 -1.04 12.37 -9.52
C LYS A 246 -2.20 11.40 -9.74
N GLN A 247 -2.07 10.17 -9.22
CA GLN A 247 -3.16 9.20 -9.23
C GLN A 247 -3.93 9.20 -7.91
N ILE A 248 -3.34 9.86 -6.91
CA ILE A 248 -3.93 9.89 -5.60
C ILE A 248 -4.36 11.30 -5.16
N ILE A 249 -5.64 11.57 -5.35
CA ILE A 249 -6.21 12.89 -5.15
C ILE A 249 -6.82 13.00 -3.78
N ASN A 250 -6.78 14.20 -3.21
CA ASN A 250 -7.75 14.59 -2.19
C ASN A 250 -8.92 15.20 -2.94
N MET A 251 -10.12 14.65 -2.78
CA MET A 251 -11.28 15.12 -3.52
C MET A 251 -11.71 16.52 -3.10
N TRP A 252 -12.37 17.22 -4.01
CA TRP A 252 -12.86 18.56 -3.69
C TRP A 252 -14.32 18.54 -3.25
N CYS A 253 -15.06 17.55 -3.76
CA CYS A 253 -16.47 17.41 -3.45
C CYS A 253 -16.76 17.22 -1.97
N LYS A 254 -16.45 16.03 -1.48
CA LYS A 254 -16.49 15.73 -0.06
C LYS A 254 -15.08 15.36 0.38
N VAL A 255 -14.85 15.29 1.69
CA VAL A 255 -13.54 14.94 2.23
C VAL A 255 -13.21 13.45 2.01
N CYS A 256 -12.64 13.12 0.86
CA CYS A 256 -12.21 11.74 0.58
C CYS A 256 -10.84 11.69 -0.06
N LYS A 257 -10.21 10.52 -0.02
CA LYS A 257 -9.05 10.26 -0.87
C LYS A 257 -9.49 9.35 -2.01
N ALA A 258 -8.93 9.57 -3.18
CA ALA A 258 -9.31 8.78 -4.34
C ALA A 258 -8.10 8.45 -5.21
N MET A 259 -8.04 7.20 -5.65
CA MET A 259 -6.97 6.74 -6.52
C MET A 259 -7.52 6.57 -7.93
N TYR A 260 -6.91 7.24 -8.89
CA TYR A 260 -7.29 7.06 -10.28
C TYR A 260 -6.24 6.20 -10.96
N ALA A 261 -6.50 5.83 -12.22
CA ALA A 261 -5.52 5.04 -12.99
C ALA A 261 -4.45 5.93 -13.64
N PRO A 262 -3.26 5.36 -13.87
CA PRO A 262 -2.18 6.09 -14.55
C PRO A 262 -2.66 6.48 -15.96
N PRO A 263 -1.99 7.46 -16.58
CA PRO A 263 -2.47 7.97 -17.87
C PRO A 263 -2.25 6.98 -19.02
N ILE A 264 -3.07 7.07 -20.06
CA ILE A 264 -2.90 6.20 -21.24
C ILE A 264 -2.61 6.99 -22.53
N SER A 265 -2.27 8.26 -22.38
CA SER A 265 -1.90 9.07 -23.53
C SER A 265 -0.54 9.75 -23.31
N GLY A 266 0.21 9.91 -24.39
CA GLY A 266 1.49 10.63 -24.33
C GLY A 266 1.42 12.05 -24.87
N GLN A 267 0.20 12.48 -25.19
CA GLN A 267 -0.03 13.80 -25.72
C GLN A 267 -1.19 14.44 -24.98
N ILE A 268 -0.93 14.85 -23.75
CA ILE A 268 -1.95 15.51 -22.95
C ILE A 268 -1.69 17.01 -22.91
N ARG A 269 -2.37 17.75 -23.77
CA ARG A 269 -2.13 19.19 -23.86
C ARG A 269 -3.30 19.98 -23.30
N CYS A 270 -3.01 21.16 -22.76
CA CYS A 270 -4.02 22.01 -22.14
C CYS A 270 -3.75 23.49 -22.25
N SER A 271 -4.36 24.12 -23.25
CA SER A 271 -4.20 25.54 -23.45
C SER A 271 -5.43 26.21 -22.87
N SER A 272 -5.24 26.93 -21.78
CA SER A 272 -6.34 27.61 -21.13
C SER A 272 -6.06 29.09 -21.01
N ASN A 273 -7.13 29.84 -20.79
CA ASN A 273 -7.02 31.26 -20.49
C ASN A 273 -7.29 31.50 -19.01
N ILE A 274 -6.26 31.96 -18.30
CA ILE A 274 -6.47 32.53 -16.98
C ILE A 274 -7.39 33.72 -17.18
N THR A 275 -8.46 33.78 -16.40
CA THR A 275 -9.39 34.89 -16.51
C THR A 275 -9.62 35.51 -15.13
N GLY A 276 -9.11 34.86 -14.11
CA GLY A 276 -9.28 35.33 -12.75
C GLY A 276 -8.41 34.57 -11.78
N LEU A 277 -8.34 35.02 -10.54
CA LEU A 277 -7.50 34.37 -9.54
C LEU A 277 -8.21 34.24 -8.23
N LEU A 278 -7.71 33.34 -7.39
CA LEU A 278 -8.20 33.25 -6.04
C LEU A 278 -7.05 33.53 -5.10
N LEU A 279 -7.07 34.72 -4.52
CA LEU A 279 -5.98 35.11 -3.64
C LEU A 279 -6.33 34.98 -2.16
N THR A 280 -5.33 35.12 -1.31
CA THR A 280 -5.53 35.16 0.12
C THR A 280 -4.57 36.15 0.75
N ARG A 281 -5.07 36.97 1.65
CA ARG A 281 -4.25 38.00 2.26
C ARG A 281 -3.68 37.54 3.59
N ASP A 282 -2.37 37.64 3.76
CA ASP A 282 -1.75 37.27 5.03
C ASP A 282 -2.42 38.00 6.20
N GLY A 283 -2.38 39.33 6.17
CA GLY A 283 -2.94 40.13 7.24
C GLY A 283 -2.17 39.92 8.52
N GLY A 284 -2.83 40.15 9.65
CA GLY A 284 -2.20 40.00 10.95
C GLY A 284 -1.56 41.28 11.42
N ASN A 285 -1.54 41.48 12.73
CA ASN A 285 -1.00 42.70 13.34
C ASN A 285 0.47 42.92 13.03
N SER A 286 0.80 44.18 12.73
CA SER A 286 2.14 44.57 12.32
C SER A 286 2.08 46.00 11.79
N ASN A 287 2.32 46.98 12.68
CA ASN A 287 2.26 48.40 12.30
C ASN A 287 3.10 48.70 11.06
N ASN A 288 3.73 47.65 10.55
CA ASN A 288 4.40 47.65 9.26
C ASN A 288 3.38 47.85 8.12
N GLU A 289 3.72 48.70 7.15
CA GLU A 289 2.77 49.02 6.08
C GLU A 289 3.04 48.36 4.73
N SER A 290 2.53 47.13 4.58
CA SER A 290 2.61 46.37 3.33
C SER A 290 1.73 45.13 3.48
N GLU A 291 1.17 44.64 2.38
CA GLU A 291 0.24 43.53 2.43
C GLU A 291 0.73 42.34 1.62
N ILE A 292 0.74 41.17 2.23
CA ILE A 292 1.21 39.96 1.54
C ILE A 292 0.04 39.19 0.96
N PHE A 293 0.16 38.74 -0.29
CA PHE A 293 -0.89 37.96 -0.89
C PHE A 293 -0.39 36.64 -1.48
N ARG A 294 -1.21 35.61 -1.32
CA ARG A 294 -0.86 34.26 -1.76
C ARG A 294 -2.02 33.62 -2.51
N PRO A 295 -1.71 32.70 -3.44
CA PRO A 295 -2.71 32.03 -4.26
C PRO A 295 -3.53 31.05 -3.45
N GLY A 296 -4.83 31.26 -3.43
CA GLY A 296 -5.71 30.49 -2.58
C GLY A 296 -6.57 29.54 -3.37
N GLY A 297 -7.81 29.37 -2.90
CA GLY A 297 -8.77 28.52 -3.58
C GLY A 297 -8.89 27.14 -2.96
N GLY A 298 -9.71 26.31 -3.59
CA GLY A 298 -9.96 24.96 -3.12
C GLY A 298 -11.44 24.78 -2.89
N ASP A 299 -12.13 25.90 -2.73
CA ASP A 299 -13.55 25.84 -2.44
C ASP A 299 -14.35 26.23 -3.67
N MET A 300 -14.46 25.29 -4.60
CA MET A 300 -15.15 25.51 -5.88
C MET A 300 -16.34 26.48 -5.87
N ARG A 301 -16.98 26.70 -4.73
CA ARG A 301 -18.06 27.68 -4.67
C ARG A 301 -17.53 29.08 -4.97
N ASP A 302 -16.32 29.34 -4.51
CA ASP A 302 -15.65 30.57 -4.86
C ASP A 302 -15.61 30.69 -6.37
N ASN A 303 -15.31 29.57 -7.02
CA ASN A 303 -15.30 29.54 -8.48
C ASN A 303 -16.65 29.80 -9.11
N TRP A 304 -17.69 29.15 -8.62
CA TRP A 304 -19.03 29.43 -9.14
C TRP A 304 -19.43 30.86 -8.81
N ARG A 305 -19.02 31.35 -7.64
CA ARG A 305 -19.32 32.73 -7.28
C ARG A 305 -18.68 33.75 -8.22
N SER A 306 -17.48 33.46 -8.71
CA SER A 306 -16.81 34.37 -9.61
C SER A 306 -17.61 34.59 -10.90
N GLU A 307 -18.56 33.69 -11.16
CA GLU A 307 -19.36 33.77 -12.37
C GLU A 307 -20.81 34.14 -12.10
N LEU A 308 -21.32 33.73 -10.94
CA LEU A 308 -22.74 33.89 -10.63
C LEU A 308 -23.06 35.13 -9.81
N TYR A 309 -22.05 35.93 -9.53
CA TYR A 309 -22.23 37.10 -8.67
C TYR A 309 -23.33 38.03 -9.17
N LYS A 310 -23.45 38.16 -10.50
CA LYS A 310 -24.40 39.09 -11.10
C LYS A 310 -25.83 38.54 -11.13
N TYR A 311 -26.09 37.47 -10.39
CA TYR A 311 -27.37 36.79 -10.47
C TYR A 311 -28.02 36.61 -9.10
N LYS A 312 -29.33 36.44 -9.12
CA LYS A 312 -30.05 36.08 -7.91
C LYS A 312 -31.36 35.43 -8.32
N VAL A 313 -31.93 34.64 -7.42
CA VAL A 313 -33.14 33.92 -7.71
C VAL A 313 -34.21 34.33 -6.68
N VAL A 314 -35.43 34.58 -7.14
CA VAL A 314 -36.45 35.15 -6.26
C VAL A 314 -37.84 34.54 -6.40
N LYS A 315 -38.54 34.41 -5.28
CA LYS A 315 -39.89 33.87 -5.29
C LYS A 315 -40.75 34.68 -6.25
N ILE A 316 -41.34 34.00 -7.23
CA ILE A 316 -42.23 34.66 -8.18
C ILE A 316 -43.48 35.21 -7.48
N LYS B 2 -13.84 31.36 28.31
CA LYS B 2 -12.47 31.49 28.88
C LYS B 2 -11.94 30.11 29.27
N LYS B 3 -11.17 29.50 28.37
CA LYS B 3 -10.65 28.15 28.59
C LYS B 3 -9.12 28.12 28.51
N VAL B 4 -8.51 27.22 29.30
CA VAL B 4 -7.04 27.05 29.31
C VAL B 4 -6.63 25.58 29.17
N VAL B 5 -5.72 25.29 28.25
CA VAL B 5 -5.22 23.93 28.09
C VAL B 5 -3.71 23.90 28.30
N LEU B 6 -3.26 23.12 29.27
CA LEU B 6 -1.84 23.01 29.56
C LEU B 6 -1.10 22.09 28.58
N GLY B 7 0.15 22.43 28.26
CA GLY B 7 0.91 21.69 27.26
C GLY B 7 2.31 21.31 27.70
N LYS B 8 2.72 20.11 27.34
CA LYS B 8 4.05 19.62 27.69
C LYS B 8 5.00 19.74 26.51
N LYS B 9 6.09 20.49 26.69
CA LYS B 9 7.08 20.67 25.63
C LYS B 9 7.52 19.34 25.00
N GLY B 10 7.57 19.31 23.66
CA GLY B 10 7.90 18.11 22.92
C GLY B 10 6.66 17.30 22.57
N ASP B 11 5.59 17.53 23.32
CA ASP B 11 4.35 16.77 23.17
C ASP B 11 3.39 17.29 22.11
N THR B 12 2.34 16.51 21.91
CA THR B 12 1.28 16.85 20.98
C THR B 12 0.03 17.26 21.74
N VAL B 13 -0.44 18.48 21.52
CA VAL B 13 -1.71 18.92 22.08
C VAL B 13 -2.80 18.94 20.99
N GLU B 14 -4.04 18.76 21.41
CA GLU B 14 -5.18 18.85 20.50
C GLU B 14 -6.22 19.84 20.99
N LEU B 15 -6.11 21.08 20.56
CA LEU B 15 -7.13 22.08 20.82
C LEU B 15 -8.37 21.69 20.00
N THR B 16 -9.55 21.84 20.60
CA THR B 16 -10.77 21.39 19.93
C THR B 16 -11.73 22.53 19.64
N CYS B 17 -12.62 22.29 18.68
CA CYS B 17 -13.57 23.29 18.20
C CYS B 17 -14.84 22.57 17.77
N THR B 18 -15.98 23.24 17.88
CA THR B 18 -17.26 22.58 17.64
C THR B 18 -18.31 23.52 17.08
N ALA B 19 -19.12 23.02 16.15
CA ALA B 19 -20.22 23.80 15.60
C ALA B 19 -21.53 23.43 16.27
N SER B 20 -22.51 24.33 16.20
CA SER B 20 -23.83 24.04 16.75
C SER B 20 -24.61 23.09 15.86
N GLN B 21 -24.61 23.39 14.56
CA GLN B 21 -25.12 22.45 13.57
C GLN B 21 -24.05 21.38 13.40
N LYS B 22 -24.46 20.19 12.94
CA LYS B 22 -23.51 19.11 12.70
C LYS B 22 -23.25 18.89 11.21
N LYS B 23 -23.32 19.96 10.43
CA LYS B 23 -22.94 19.89 9.04
C LYS B 23 -21.41 19.79 8.98
N SER B 24 -20.76 20.87 8.56
CA SER B 24 -19.32 20.85 8.31
C SER B 24 -18.91 21.99 7.39
N ILE B 25 -18.87 23.21 7.93
CA ILE B 25 -18.53 24.39 7.12
C ILE B 25 -17.16 24.99 7.39
N GLN B 26 -16.95 26.21 6.89
CA GLN B 26 -15.65 26.88 6.95
C GLN B 26 -15.24 27.19 8.39
N PHE B 27 -13.98 26.93 8.71
CA PHE B 27 -13.45 27.24 10.01
C PHE B 27 -12.02 27.71 9.85
N HIS B 28 -11.49 28.37 10.87
CA HIS B 28 -10.15 28.91 10.77
C HIS B 28 -9.55 29.30 12.12
N TRP B 29 -8.35 28.81 12.39
CA TRP B 29 -7.62 29.14 13.61
C TRP B 29 -6.62 30.25 13.39
N LYS B 30 -6.63 31.22 14.29
CA LYS B 30 -5.66 32.31 14.29
C LYS B 30 -5.08 32.45 15.69
N ASN B 31 -4.02 33.25 15.83
CA ASN B 31 -3.52 33.54 17.17
C ASN B 31 -3.96 34.93 17.66
N SER B 32 -3.56 35.29 18.87
CA SER B 32 -3.92 36.58 19.43
C SER B 32 -3.55 37.72 18.48
N ASN B 33 -2.47 37.55 17.73
CA ASN B 33 -2.05 38.57 16.77
C ASN B 33 -2.79 38.45 15.45
N GLN B 34 -3.80 37.60 15.42
CA GLN B 34 -4.66 37.47 14.25
C GLN B 34 -3.94 36.83 13.08
N ILE B 35 -2.84 36.16 13.37
CA ILE B 35 -2.14 35.40 12.36
C ILE B 35 -2.86 34.08 12.09
N LYS B 36 -2.96 33.71 10.81
CA LYS B 36 -3.65 32.50 10.40
C LYS B 36 -2.78 31.28 10.73
N ILE B 37 -3.35 30.27 11.33
CA ILE B 37 -2.57 29.08 11.72
C ILE B 37 -2.91 27.89 10.83
N LEU B 38 -4.21 27.68 10.65
CA LEU B 38 -4.71 26.54 9.94
C LEU B 38 -6.22 26.64 9.82
N GLY B 39 -6.75 26.26 8.67
CA GLY B 39 -8.19 26.23 8.46
C GLY B 39 -8.52 25.40 7.23
N ASN B 40 -9.81 25.31 6.91
CA ASN B 40 -10.22 24.55 5.73
C ASN B 40 -10.80 25.43 4.63
N GLN B 41 -10.44 25.10 3.39
CA GLN B 41 -11.12 25.69 2.23
C GLN B 41 -11.86 24.55 1.55
N GLY B 42 -13.19 24.61 1.56
CA GLY B 42 -14.00 23.50 1.10
C GLY B 42 -13.56 22.20 1.75
N SER B 43 -13.29 21.19 0.92
CA SER B 43 -12.85 19.89 1.43
C SER B 43 -11.36 19.85 1.72
N PHE B 44 -10.66 20.92 1.40
CA PHE B 44 -9.21 20.97 1.59
C PHE B 44 -8.75 21.73 2.85
N LEU B 45 -7.51 21.46 3.25
CA LEU B 45 -6.91 22.10 4.42
C LEU B 45 -5.85 23.14 4.08
N THR B 46 -5.85 24.25 4.81
CA THR B 46 -4.83 25.29 4.60
C THR B 46 -4.06 25.63 5.88
N LYS B 47 -2.77 25.92 5.71
CA LYS B 47 -1.90 26.33 6.81
C LYS B 47 -1.35 27.73 6.53
N GLY B 48 -1.47 28.64 7.50
CA GLY B 48 -1.03 30.00 7.31
C GLY B 48 0.44 30.24 7.66
N PRO B 49 0.92 31.47 7.41
CA PRO B 49 2.30 31.89 7.64
C PRO B 49 2.65 31.97 9.12
N SER B 50 2.15 31.03 9.92
CA SER B 50 2.42 31.02 11.36
C SER B 50 3.74 30.32 11.61
N LYS B 51 4.30 30.51 12.80
CA LYS B 51 5.51 29.78 13.16
C LYS B 51 5.18 28.33 13.49
N LEU B 52 3.89 28.03 13.64
CA LEU B 52 3.46 26.66 13.87
C LEU B 52 3.47 25.85 12.60
N ASN B 53 3.22 26.53 11.49
CA ASN B 53 2.99 25.88 10.21
C ASN B 53 3.28 24.39 10.10
N ASP B 54 4.54 24.01 9.90
CA ASP B 54 4.89 22.63 9.58
C ASP B 54 4.53 21.66 10.70
N ARG B 55 4.07 22.22 11.82
CA ARG B 55 3.73 21.41 12.99
C ARG B 55 2.22 21.38 13.27
N ALA B 56 1.47 22.21 12.55
CA ALA B 56 0.02 22.31 12.73
C ALA B 56 -0.72 21.27 11.89
N ASP B 57 -1.95 20.95 12.29
CA ASP B 57 -2.74 19.93 11.60
C ASP B 57 -4.09 19.69 12.28
N SER B 58 -5.07 19.26 11.50
CA SER B 58 -6.38 18.96 12.05
C SER B 58 -6.67 17.48 11.86
N ARG B 59 -7.90 17.06 12.12
CA ARG B 59 -8.31 15.72 11.75
C ARG B 59 -9.62 15.82 10.99
N ARG B 60 -9.55 15.56 9.69
CA ARG B 60 -10.65 15.90 8.77
C ARG B 60 -11.83 14.93 8.81
N SER B 61 -11.66 13.82 9.49
CA SER B 61 -12.74 12.86 9.64
C SER B 61 -13.78 13.38 10.63
N LEU B 62 -13.36 14.29 11.51
CA LEU B 62 -14.25 14.89 12.49
C LEU B 62 -14.99 16.08 11.89
N TRP B 63 -14.43 16.65 10.83
CA TRP B 63 -15.03 17.79 10.18
C TRP B 63 -16.49 17.58 9.83
N ASP B 64 -16.79 16.43 9.22
CA ASP B 64 -18.14 16.08 8.82
C ASP B 64 -19.06 16.10 10.02
N GLN B 65 -18.46 16.14 11.20
CA GLN B 65 -19.22 16.17 12.44
C GLN B 65 -19.41 17.60 12.90
N GLY B 66 -18.44 18.44 12.57
CA GLY B 66 -18.43 19.80 13.09
C GLY B 66 -17.44 19.86 14.23
N ASN B 67 -16.31 19.17 14.07
CA ASN B 67 -15.22 19.17 15.04
C ASN B 67 -13.93 19.62 14.37
N PHE B 68 -13.52 20.85 14.61
CA PHE B 68 -12.41 21.42 13.84
C PHE B 68 -11.12 21.55 14.64
N PRO B 69 -10.58 20.40 15.05
CA PRO B 69 -9.46 20.33 15.98
C PRO B 69 -8.19 20.92 15.40
N LEU B 70 -7.45 21.63 16.23
CA LEU B 70 -6.10 22.04 15.88
C LEU B 70 -5.13 21.19 16.67
N ILE B 71 -4.38 20.35 15.97
CA ILE B 71 -3.35 19.56 16.61
C ILE B 71 -1.99 20.25 16.40
N ILE B 72 -1.27 20.47 17.50
CA ILE B 72 0.08 21.03 17.41
C ILE B 72 1.11 20.01 17.90
N LYS B 73 1.67 19.25 16.96
CA LYS B 73 2.64 18.21 17.31
C LYS B 73 3.95 18.83 17.80
N ASN B 74 4.72 18.04 18.54
CA ASN B 74 6.05 18.45 18.95
C ASN B 74 6.08 19.91 19.41
N LEU B 75 5.42 20.18 20.54
CA LEU B 75 5.27 21.52 21.04
C LEU B 75 6.60 22.19 21.38
N LYS B 76 6.60 23.52 21.33
CA LYS B 76 7.74 24.32 21.78
C LYS B 76 7.19 25.36 22.74
N ILE B 77 8.09 26.07 23.43
CA ILE B 77 7.64 27.02 24.45
C ILE B 77 6.97 28.28 23.87
N GLU B 78 7.47 28.76 22.74
CA GLU B 78 6.91 29.94 22.09
C GLU B 78 5.56 29.63 21.45
N ASP B 79 5.21 28.35 21.37
CA ASP B 79 3.86 27.96 20.95
C ASP B 79 2.84 28.57 21.91
N SER B 80 3.30 28.94 23.11
CA SER B 80 2.44 29.54 24.12
C SER B 80 1.74 30.78 23.60
N ASP B 81 0.43 30.67 23.44
CA ASP B 81 -0.40 31.79 23.00
C ASP B 81 -1.87 31.49 23.21
N THR B 82 -2.73 32.39 22.75
CA THR B 82 -4.17 32.20 22.80
C THR B 82 -4.66 31.97 21.39
N TYR B 83 -5.30 30.83 21.15
CA TYR B 83 -5.77 30.49 19.80
C TYR B 83 -7.28 30.63 19.68
N ILE B 84 -7.71 31.30 18.61
CA ILE B 84 -9.13 31.51 18.36
C ILE B 84 -9.62 30.59 17.25
N CYS B 85 -10.74 29.94 17.48
CA CYS B 85 -11.34 29.13 16.43
C CYS B 85 -12.58 29.82 15.87
N GLU B 86 -12.41 30.48 14.73
CA GLU B 86 -13.53 31.15 14.07
C GLU B 86 -14.26 30.19 13.16
N VAL B 87 -15.53 29.96 13.48
CA VAL B 87 -16.37 29.11 12.67
C VAL B 87 -17.76 29.68 12.76
N GLU B 88 -18.65 29.25 11.85
CA GLU B 88 -20.05 29.63 11.94
C GLU B 88 -20.22 31.06 12.43
N ASP B 89 -19.16 31.87 12.35
CA ASP B 89 -19.24 33.26 12.76
C ASP B 89 -19.05 33.41 14.27
N GLN B 90 -19.34 32.34 15.01
CA GLN B 90 -19.02 32.26 16.42
C GLN B 90 -17.50 32.25 16.60
N LYS B 91 -17.03 32.39 17.83
CA LYS B 91 -15.60 32.42 18.10
C LYS B 91 -15.23 31.66 19.36
N GLU B 92 -14.59 30.50 19.20
CA GLU B 92 -14.02 29.81 20.32
C GLU B 92 -12.59 30.28 20.57
N GLU B 93 -12.27 30.49 21.84
CA GLU B 93 -10.99 31.04 22.26
C GLU B 93 -10.34 30.04 23.19
N VAL B 94 -9.01 30.03 23.27
CA VAL B 94 -8.32 29.11 24.18
C VAL B 94 -6.84 29.40 24.35
N GLN B 95 -6.41 29.57 25.60
CA GLN B 95 -5.02 29.87 25.90
C GLN B 95 -4.19 28.59 26.10
N LEU B 96 -3.09 28.51 25.37
CA LEU B 96 -2.20 27.35 25.48
C LEU B 96 -0.90 27.77 26.17
N LEU B 97 -0.59 27.13 27.28
CA LEU B 97 0.71 27.31 27.93
C LEU B 97 1.51 26.01 27.92
N VAL B 98 2.73 26.07 27.38
CA VAL B 98 3.62 24.92 27.36
C VAL B 98 4.75 25.10 28.37
N PHE B 99 5.10 24.04 29.09
CA PHE B 99 6.25 24.06 29.97
C PHE B 99 7.26 22.95 29.65
N GLY B 100 8.35 22.92 30.39
CA GLY B 100 9.40 21.94 30.17
C GLY B 100 10.17 21.67 31.44
N LEU B 101 10.55 20.41 31.65
CA LEU B 101 11.38 20.04 32.79
C LEU B 101 12.63 19.28 32.43
N THR B 102 13.76 19.76 32.92
CA THR B 102 15.04 19.14 32.62
C THR B 102 15.92 19.04 33.86
N ALA B 103 16.79 18.04 33.89
CA ALA B 103 17.70 17.86 35.01
C ALA B 103 19.01 18.58 34.71
N ASN B 104 19.67 19.06 35.76
CA ASN B 104 20.95 19.74 35.61
C ASN B 104 21.90 18.91 34.76
N SER B 105 21.86 17.60 35.02
CA SER B 105 22.78 16.66 34.42
C SER B 105 21.99 15.58 33.70
N ASP B 106 22.47 15.23 32.50
CA ASP B 106 21.85 14.18 31.70
C ASP B 106 22.58 12.84 31.90
N THR B 107 23.40 12.78 32.95
CA THR B 107 24.19 11.59 33.23
C THR B 107 23.90 11.02 34.63
N HIS B 108 24.56 9.91 34.95
CA HIS B 108 24.42 9.27 36.25
C HIS B 108 24.97 10.14 37.36
N LEU B 109 24.35 10.06 38.53
CA LEU B 109 24.78 10.84 39.67
C LEU B 109 25.21 9.94 40.82
N LEU B 110 26.15 10.42 41.63
CA LEU B 110 26.60 9.68 42.79
C LEU B 110 25.66 9.97 43.95
N GLN B 111 25.86 9.30 45.06
CA GLN B 111 25.12 9.65 46.26
C GLN B 111 25.72 10.89 46.93
N GLY B 112 24.85 11.71 47.50
CA GLY B 112 25.28 12.95 48.12
C GLY B 112 25.52 14.06 47.11
N GLN B 113 25.24 13.78 45.84
CA GLN B 113 25.34 14.80 44.80
C GLN B 113 24.03 15.56 44.65
N SER B 114 24.10 16.74 44.05
CA SER B 114 22.95 17.62 43.98
C SER B 114 22.13 17.33 42.75
N LEU B 115 20.81 17.46 42.87
CA LEU B 115 19.95 17.45 41.69
C LEU B 115 19.24 18.78 41.52
N THR B 116 19.32 19.34 40.33
CA THR B 116 18.68 20.62 40.07
C THR B 116 17.82 20.55 38.83
N LEU B 117 16.50 20.54 39.05
CA LEU B 117 15.54 20.52 37.94
C LEU B 117 15.16 21.93 37.59
N THR B 118 15.13 22.21 36.29
CA THR B 118 14.77 23.53 35.80
C THR B 118 13.47 23.48 35.01
N LEU B 119 12.64 24.49 35.19
CA LEU B 119 11.38 24.58 34.48
C LEU B 119 11.38 25.68 33.43
N GLU B 120 11.23 25.30 32.17
CA GLU B 120 11.18 26.26 31.08
C GLU B 120 9.74 26.73 30.85
N SER B 121 9.56 28.04 30.75
CA SER B 121 8.21 28.59 30.69
C SER B 121 8.12 29.85 29.83
N PRO B 122 6.91 30.25 29.45
CA PRO B 122 6.68 31.47 28.69
C PRO B 122 6.74 32.69 29.60
N PRO B 123 7.04 33.85 29.02
CA PRO B 123 7.06 35.06 29.84
C PRO B 123 5.64 35.39 30.26
N GLY B 124 5.48 35.83 31.51
CA GLY B 124 4.17 36.26 31.99
C GLY B 124 3.59 35.34 33.04
N SER B 125 3.54 34.05 32.73
CA SER B 125 3.03 33.06 33.68
C SER B 125 4.00 32.86 34.84
N SER B 126 3.44 32.55 36.02
CA SER B 126 4.24 32.19 37.20
C SER B 126 3.67 30.94 37.86
N PRO B 127 4.19 29.78 37.46
CA PRO B 127 3.69 28.51 37.94
C PRO B 127 4.52 28.03 39.13
N SER B 128 3.90 27.18 39.95
CA SER B 128 4.61 26.58 41.06
C SER B 128 4.81 25.09 40.76
N VAL B 129 5.99 24.58 41.06
CA VAL B 129 6.27 23.16 40.81
C VAL B 129 6.28 22.36 42.09
N GLN B 130 6.16 21.04 41.93
CA GLN B 130 6.36 20.11 43.02
C GLN B 130 6.89 18.81 42.46
N CYS B 131 7.97 18.31 43.05
CA CYS B 131 8.53 17.03 42.64
C CYS B 131 8.65 16.02 43.76
N ARG B 132 8.60 14.75 43.37
CA ARG B 132 8.60 13.65 44.31
C ARG B 132 9.46 12.55 43.73
N SER B 133 10.50 12.15 44.46
CA SER B 133 11.36 11.08 44.01
C SER B 133 10.71 9.77 44.37
N PRO B 134 11.29 8.66 43.90
CA PRO B 134 10.77 7.33 44.16
C PRO B 134 10.67 7.00 45.65
N ARG B 135 11.50 7.61 46.50
CA ARG B 135 11.53 7.32 47.94
C ARG B 135 10.62 8.26 48.73
N GLY B 136 10.12 9.31 48.07
CA GLY B 136 9.23 10.24 48.74
C GLY B 136 9.71 11.67 48.73
N LYS B 137 11.02 11.88 48.70
CA LYS B 137 11.56 13.24 48.67
C LYS B 137 10.70 14.24 47.89
N ASN B 138 10.39 15.36 48.54
CA ASN B 138 9.56 16.41 47.95
C ASN B 138 10.28 17.75 47.95
N ILE B 139 10.36 18.39 46.78
CA ILE B 139 10.80 19.79 46.70
C ILE B 139 9.83 20.57 45.84
N GLN B 140 9.94 21.90 45.89
CA GLN B 140 9.06 22.76 45.11
C GLN B 140 9.67 24.15 44.96
N GLY B 141 9.10 24.96 44.08
CA GLY B 141 9.57 26.33 43.88
C GLY B 141 9.02 27.00 42.63
N GLY B 142 9.80 27.92 42.07
CA GLY B 142 9.41 28.63 40.85
C GLY B 142 10.12 28.12 39.62
N LYS B 143 11.19 28.81 39.21
CA LYS B 143 11.95 28.40 38.04
C LYS B 143 12.80 27.16 38.33
N THR B 144 13.59 27.25 39.39
CA THR B 144 14.58 26.23 39.66
C THR B 144 14.32 25.48 40.96
N LEU B 145 14.14 24.16 40.85
CA LEU B 145 14.04 23.29 42.01
C LEU B 145 15.38 22.58 42.17
N SER B 146 15.78 22.38 43.42
CA SER B 146 17.10 21.87 43.70
C SER B 146 17.16 20.98 44.94
N VAL B 147 17.67 19.76 44.79
CA VAL B 147 17.97 18.90 45.94
C VAL B 147 19.45 18.98 46.28
N SER B 148 19.76 19.14 47.56
CA SER B 148 21.14 19.32 47.99
C SER B 148 21.96 18.03 47.88
N GLN B 149 21.49 16.93 48.46
CA GLN B 149 22.19 15.65 48.38
C GLN B 149 21.28 14.52 47.96
N LEU B 150 21.53 13.95 46.79
CA LEU B 150 20.80 12.76 46.34
C LEU B 150 21.02 11.59 47.29
N GLU B 151 19.96 10.83 47.54
CA GLU B 151 20.09 9.56 48.23
C GLU B 151 19.94 8.42 47.23
N LEU B 152 20.60 7.30 47.51
CA LEU B 152 20.49 6.09 46.69
C LEU B 152 19.04 5.76 46.31
N GLN B 153 18.12 5.88 47.28
CA GLN B 153 16.71 5.56 47.07
C GLN B 153 15.95 6.57 46.22
N ASP B 154 16.66 7.58 45.73
CA ASP B 154 16.06 8.53 44.80
C ASP B 154 16.16 7.99 43.38
N SER B 155 16.87 6.89 43.21
CA SER B 155 17.15 6.35 41.87
C SER B 155 15.90 5.75 41.25
N GLY B 156 15.53 6.21 40.05
CA GLY B 156 14.31 5.74 39.39
C GLY B 156 13.57 6.87 38.71
N THR B 157 12.24 6.89 38.87
CA THR B 157 11.40 7.90 38.22
C THR B 157 10.87 8.98 39.16
N TRP B 158 11.11 10.24 38.79
CA TRP B 158 10.67 11.40 39.55
C TRP B 158 9.39 11.99 38.94
N THR B 159 8.36 12.17 39.74
CA THR B 159 7.17 12.83 39.24
C THR B 159 7.18 14.30 39.61
N CYS B 160 6.86 15.14 38.64
CA CYS B 160 6.91 16.57 38.83
C CYS B 160 5.65 17.20 38.30
N THR B 161 4.91 17.85 39.18
CA THR B 161 3.68 18.49 38.79
C THR B 161 3.80 19.99 38.81
N VAL B 162 3.53 20.59 37.66
CA VAL B 162 3.43 22.04 37.53
C VAL B 162 1.99 22.52 37.66
N LEU B 163 1.78 23.53 38.51
CA LEU B 163 0.46 24.09 38.72
C LEU B 163 0.37 25.46 38.05
N GLN B 164 -0.52 25.58 37.07
CA GLN B 164 -0.72 26.86 36.41
C GLN B 164 -2.20 27.12 36.17
N ASN B 165 -2.68 28.29 36.60
CA ASN B 165 -4.09 28.65 36.46
C ASN B 165 -5.03 27.60 37.06
N GLN B 166 -4.66 27.08 38.22
CA GLN B 166 -5.48 26.09 38.91
C GLN B 166 -5.57 24.81 38.07
N LYS B 167 -4.56 24.61 37.23
CA LYS B 167 -4.54 23.46 36.34
C LYS B 167 -3.14 22.86 36.41
N LYS B 168 -3.05 21.54 36.39
CA LYS B 168 -1.75 20.91 36.51
C LYS B 168 -1.43 19.89 35.44
N VAL B 169 -0.18 19.92 34.99
CA VAL B 169 0.32 18.95 34.06
C VAL B 169 1.46 18.20 34.76
N GLU B 170 1.66 16.94 34.38
CA GLU B 170 2.60 16.11 35.09
C GLU B 170 3.78 15.70 34.23
N PHE B 171 4.94 15.57 34.88
CA PHE B 171 6.17 15.24 34.19
C PHE B 171 6.83 14.04 34.85
N LYS B 172 7.62 13.29 34.08
CA LYS B 172 8.37 12.16 34.63
C LYS B 172 9.82 12.22 34.19
N ILE B 173 10.73 12.41 35.14
CA ILE B 173 12.16 12.52 34.83
C ILE B 173 12.91 11.31 35.38
N ASP B 174 13.54 10.53 34.52
CA ASP B 174 14.32 9.38 34.98
C ASP B 174 15.72 9.73 35.46
N ILE B 175 15.92 9.61 36.76
CA ILE B 175 17.21 9.87 37.39
C ILE B 175 17.93 8.56 37.69
N VAL B 176 19.26 8.54 37.54
CA VAL B 176 20.06 7.38 37.93
C VAL B 176 21.11 7.76 39.00
N VAL B 177 21.10 7.03 40.11
CA VAL B 177 22.06 7.30 41.18
C VAL B 177 22.83 6.04 41.56
N LEU B 178 24.14 6.04 41.28
CA LEU B 178 24.96 4.86 41.43
C LEU B 178 25.13 4.36 42.87
N ALA B 179 24.96 3.05 43.06
CA ALA B 179 25.31 2.39 44.31
C ALA B 179 26.83 2.28 44.41
N PHE B 180 27.33 1.33 45.17
CA PHE B 180 28.77 1.08 45.19
C PHE B 180 29.19 0.06 46.24
N GLN B 181 30.48 -0.24 46.27
CA GLN B 181 31.02 -1.22 47.22
C GLN B 181 31.41 -0.60 48.55
N LYS B 182 32.47 -1.13 49.17
CA LYS B 182 32.93 -0.65 50.47
C LYS B 182 34.46 -0.73 50.58
N ASP C 1 -14.49 -15.15 -14.72
CA ASP C 1 -13.08 -14.67 -14.59
C ASP C 1 -12.24 -14.96 -15.84
N ILE C 2 -10.98 -14.52 -15.81
CA ILE C 2 -10.10 -14.72 -16.94
C ILE C 2 -9.25 -15.96 -16.73
N VAL C 3 -9.49 -16.97 -17.55
CA VAL C 3 -8.78 -18.24 -17.46
C VAL C 3 -7.50 -18.15 -18.24
N MET C 4 -6.41 -18.63 -17.65
CA MET C 4 -5.09 -18.56 -18.29
C MET C 4 -4.54 -19.95 -18.63
N THR C 5 -4.56 -20.34 -19.90
CA THR C 5 -4.02 -21.65 -20.26
C THR C 5 -2.66 -21.62 -20.96
N GLN C 6 -1.68 -22.32 -20.38
CA GLN C 6 -0.34 -22.39 -20.93
C GLN C 6 -0.11 -23.71 -21.66
N SER C 7 0.66 -23.67 -22.74
CA SER C 7 1.03 -24.91 -23.42
C SER C 7 2.48 -24.92 -23.91
N PRO C 8 3.06 -26.13 -24.03
CA PRO C 8 2.40 -27.33 -23.55
C PRO C 8 2.70 -27.49 -22.08
N ALA C 9 2.22 -28.57 -21.46
CA ALA C 9 2.44 -28.82 -20.04
C ALA C 9 3.89 -29.12 -19.75
N THR C 10 4.51 -29.86 -20.68
CA THR C 10 5.91 -30.22 -20.59
C THR C 10 6.64 -29.92 -21.89
N LEU C 11 7.78 -29.25 -21.76
CA LEU C 11 8.62 -28.98 -22.91
C LEU C 11 9.99 -29.65 -22.74
N SER C 12 10.25 -30.66 -23.57
CA SER C 12 11.54 -31.33 -23.58
C SER C 12 12.47 -30.70 -24.61
N VAL C 13 13.30 -29.76 -24.17
CA VAL C 13 14.24 -29.05 -25.04
C VAL C 13 15.66 -29.56 -24.81
N SER C 14 16.45 -29.65 -25.88
CA SER C 14 17.83 -30.07 -25.73
C SER C 14 18.66 -28.86 -25.31
N PRO C 15 19.65 -29.06 -24.41
CA PRO C 15 20.49 -27.96 -23.92
C PRO C 15 20.97 -27.04 -25.04
N GLY C 16 21.05 -25.75 -24.75
CA GLY C 16 21.61 -24.79 -25.70
C GLY C 16 20.69 -24.46 -26.85
N GLU C 17 19.50 -25.07 -26.86
CA GLU C 17 18.56 -24.81 -27.94
C GLU C 17 17.51 -23.76 -27.60
N ARG C 18 16.51 -23.66 -28.46
CA ARG C 18 15.48 -22.63 -28.37
C ARG C 18 14.20 -23.12 -27.71
N ALA C 19 13.71 -22.35 -26.74
CA ALA C 19 12.45 -22.68 -26.08
C ALA C 19 11.41 -21.61 -26.36
N THR C 20 10.17 -22.04 -26.56
CA THR C 20 9.08 -21.14 -26.87
C THR C 20 7.83 -21.55 -26.12
N LEU C 21 7.46 -20.75 -25.13
CA LEU C 21 6.32 -21.05 -24.28
C LEU C 21 5.08 -20.24 -24.67
N SER C 22 3.96 -20.93 -24.82
CA SER C 22 2.72 -20.28 -25.17
C SER C 22 1.77 -20.10 -23.98
N CYS C 23 1.22 -18.90 -23.87
CA CYS C 23 0.27 -18.55 -22.82
C CYS C 23 -0.93 -17.87 -23.45
N ARG C 24 -2.11 -18.39 -23.17
CA ARG C 24 -3.31 -17.97 -23.86
C ARG C 24 -4.38 -17.58 -22.84
N ALA C 25 -4.98 -16.40 -23.01
CA ALA C 25 -6.11 -15.95 -22.17
C ALA C 25 -7.48 -16.30 -22.76
N SER C 26 -8.54 -16.13 -21.98
CA SER C 26 -9.88 -16.41 -22.47
C SER C 26 -10.55 -15.11 -22.81
N GLU C 27 -9.74 -14.05 -22.87
CA GLU C 27 -10.20 -12.75 -23.31
C GLU C 27 -9.05 -11.74 -23.24
N SER C 28 -9.17 -10.63 -23.97
CA SER C 28 -8.09 -9.67 -24.05
C SER C 28 -7.62 -9.19 -22.69
N VAL C 29 -6.32 -8.99 -22.55
CA VAL C 29 -5.77 -8.45 -21.32
C VAL C 29 -4.68 -7.47 -21.68
N SER C 30 -4.81 -6.85 -22.84
CA SER C 30 -3.81 -5.92 -23.34
C SER C 30 -2.42 -6.46 -23.07
N SER C 31 -1.64 -5.68 -22.33
CA SER C 31 -0.24 -6.04 -22.07
C SER C 31 0.05 -6.27 -20.61
N ASP C 32 -1.00 -6.49 -19.83
CA ASP C 32 -0.84 -6.73 -18.41
C ASP C 32 -0.60 -8.22 -18.24
N LEU C 33 0.55 -8.67 -18.72
CA LEU C 33 0.95 -10.06 -18.66
C LEU C 33 2.38 -10.14 -18.11
N ALA C 34 2.60 -11.06 -17.17
CA ALA C 34 3.94 -11.31 -16.63
C ALA C 34 4.31 -12.80 -16.62
N TRP C 35 5.59 -13.08 -16.78
CA TRP C 35 6.07 -14.45 -16.78
C TRP C 35 7.00 -14.66 -15.62
N TYR C 36 6.71 -15.69 -14.83
CA TYR C 36 7.59 -16.07 -13.74
C TYR C 36 8.31 -17.39 -14.01
N GLN C 37 9.30 -17.65 -13.20
CA GLN C 37 10.06 -18.88 -13.27
C GLN C 37 10.12 -19.49 -11.88
N GLN C 38 9.88 -20.79 -11.78
CA GLN C 38 10.00 -21.42 -10.49
C GLN C 38 10.84 -22.68 -10.56
N LYS C 39 11.72 -22.79 -9.59
CA LYS C 39 12.53 -23.98 -9.41
C LYS C 39 12.07 -24.69 -8.14
N PRO C 40 11.94 -26.02 -8.20
CA PRO C 40 11.56 -26.84 -7.07
C PRO C 40 12.11 -26.30 -5.77
N GLY C 41 11.24 -25.80 -4.90
CA GLY C 41 11.68 -25.47 -3.56
C GLY C 41 11.82 -24.01 -3.23
N GLN C 42 11.80 -23.14 -4.23
CA GLN C 42 11.97 -21.71 -3.99
C GLN C 42 10.80 -20.89 -4.48
N ALA C 43 10.79 -19.62 -4.11
CA ALA C 43 9.82 -18.69 -4.66
C ALA C 43 10.08 -18.46 -6.14
N PRO C 44 9.02 -18.12 -6.89
CA PRO C 44 9.12 -17.76 -8.28
C PRO C 44 10.03 -16.56 -8.50
N ARG C 45 10.33 -16.29 -9.76
CA ARG C 45 11.19 -15.21 -10.13
C ARG C 45 10.53 -14.53 -11.31
N LEU C 46 10.19 -13.26 -11.11
CA LEU C 46 9.57 -12.49 -12.17
C LEU C 46 10.57 -12.31 -13.31
N LEU C 47 10.11 -12.60 -14.52
CA LEU C 47 10.94 -12.53 -15.72
C LEU C 47 10.56 -11.32 -16.57
N ILE C 48 9.32 -11.33 -17.02
CA ILE C 48 8.79 -10.36 -17.96
C ILE C 48 7.59 -9.73 -17.31
N TYR C 49 7.35 -8.47 -17.64
CA TYR C 49 6.09 -7.83 -17.29
C TYR C 49 5.70 -6.90 -18.41
N GLY C 50 4.41 -6.62 -18.50
CA GLY C 50 3.89 -5.78 -19.57
C GLY C 50 3.99 -6.52 -20.89
N ALA C 51 4.02 -7.84 -20.83
CA ALA C 51 4.07 -8.70 -22.03
C ALA C 51 5.49 -8.91 -22.57
N SER C 52 6.32 -7.89 -22.45
CA SER C 52 7.63 -7.92 -23.10
C SER C 52 8.72 -7.08 -22.44
N THR C 53 8.56 -6.72 -21.17
CA THR C 53 9.65 -6.07 -20.45
C THR C 53 10.43 -7.00 -19.53
N ARG C 54 11.72 -7.16 -19.81
CA ARG C 54 12.60 -7.93 -18.94
C ARG C 54 12.79 -7.24 -17.59
N ALA C 55 12.61 -8.00 -16.52
CA ALA C 55 12.85 -7.48 -15.18
C ALA C 55 14.34 -7.29 -14.91
N THR C 56 14.67 -6.38 -13.99
CA THR C 56 16.07 -6.13 -13.68
C THR C 56 16.66 -7.44 -13.19
N GLY C 57 17.80 -7.82 -13.73
CA GLY C 57 18.41 -9.08 -13.34
C GLY C 57 18.19 -10.18 -14.35
N VAL C 58 17.20 -10.03 -15.21
CA VAL C 58 16.92 -11.05 -16.22
C VAL C 58 17.89 -10.91 -17.39
N PRO C 59 18.36 -12.04 -17.95
CA PRO C 59 19.28 -11.99 -19.10
C PRO C 59 18.52 -11.71 -20.40
N ALA C 60 19.25 -11.50 -21.49
CA ALA C 60 18.59 -11.09 -22.72
C ALA C 60 17.95 -12.23 -23.51
N ARG C 61 18.51 -13.43 -23.40
CA ARG C 61 17.97 -14.60 -24.09
C ARG C 61 16.53 -14.88 -23.67
N PHE C 62 16.05 -14.13 -22.67
CA PHE C 62 14.63 -14.17 -22.30
C PHE C 62 13.93 -13.03 -22.99
N SER C 63 12.78 -13.32 -23.60
CA SER C 63 12.00 -12.28 -24.26
C SER C 63 10.58 -12.76 -24.48
N GLY C 64 9.63 -11.86 -24.22
CA GLY C 64 8.22 -12.18 -24.32
C GLY C 64 7.52 -11.24 -25.27
N SER C 65 6.45 -11.70 -25.90
CA SER C 65 5.73 -10.88 -26.85
C SER C 65 4.23 -11.18 -26.87
N GLY C 66 3.54 -10.50 -27.77
CA GLY C 66 2.11 -10.71 -27.95
C GLY C 66 1.35 -9.74 -27.09
N SER C 67 0.04 -9.66 -27.31
CA SER C 67 -0.83 -8.89 -26.46
C SER C 67 -2.26 -9.32 -26.70
N GLY C 68 -3.20 -8.66 -26.03
CA GLY C 68 -4.60 -9.03 -26.15
C GLY C 68 -4.81 -10.36 -25.45
N ALA C 69 -4.79 -11.45 -26.23
CA ALA C 69 -5.03 -12.78 -25.68
C ALA C 69 -4.00 -13.80 -26.16
N GLU C 70 -2.98 -13.33 -26.84
CA GLU C 70 -2.02 -14.22 -27.49
C GLU C 70 -0.62 -13.84 -27.01
N PHE C 71 -0.09 -14.61 -26.08
CA PHE C 71 1.22 -14.30 -25.53
C PHE C 71 2.19 -15.47 -25.67
N THR C 72 3.47 -15.16 -25.64
CA THR C 72 4.50 -16.16 -25.90
C THR C 72 5.84 -15.76 -25.29
N LEU C 73 6.54 -16.73 -24.69
CA LEU C 73 7.87 -16.48 -24.13
C LEU C 73 8.94 -17.28 -24.84
N THR C 74 10.04 -16.61 -25.14
CA THR C 74 11.14 -17.25 -25.82
C THR C 74 12.40 -17.17 -25.01
N ILE C 75 13.11 -18.29 -24.94
CA ILE C 75 14.46 -18.32 -24.40
C ILE C 75 15.36 -18.73 -25.57
N SER C 76 16.15 -17.79 -26.05
CA SER C 76 16.88 -18.02 -27.28
C SER C 76 17.82 -19.22 -27.16
N SER C 77 18.46 -19.36 -26.01
CA SER C 77 19.42 -20.44 -25.83
C SER C 77 19.46 -20.94 -24.39
N LEU C 78 19.30 -22.24 -24.21
CA LEU C 78 19.07 -22.79 -22.89
C LEU C 78 20.31 -23.11 -22.08
N GLN C 79 20.49 -22.34 -21.00
CA GLN C 79 21.47 -22.69 -19.98
C GLN C 79 20.87 -23.82 -19.16
N SER C 80 21.69 -24.50 -18.40
CA SER C 80 21.21 -25.55 -17.53
C SER C 80 20.26 -24.96 -16.48
N GLU C 81 20.59 -23.78 -15.96
CA GLU C 81 19.74 -23.16 -14.96
C GLU C 81 18.46 -22.52 -15.52
N ASP C 82 18.17 -22.74 -16.80
CA ASP C 82 16.95 -22.22 -17.42
C ASP C 82 15.84 -23.25 -17.42
N PHE C 83 16.17 -24.49 -17.11
CA PHE C 83 15.17 -25.55 -17.02
C PHE C 83 14.43 -25.47 -15.71
N ALA C 84 13.13 -25.21 -15.78
CA ALA C 84 12.34 -24.94 -14.60
C ALA C 84 10.87 -24.98 -14.96
N VAL C 85 10.04 -24.42 -14.08
CA VAL C 85 8.62 -24.25 -14.38
C VAL C 85 8.31 -22.77 -14.63
N TYR C 86 7.49 -22.50 -15.65
CA TYR C 86 7.16 -21.13 -16.00
C TYR C 86 5.66 -20.87 -15.95
N TYR C 87 5.30 -19.76 -15.29
CA TYR C 87 3.93 -19.34 -15.14
C TYR C 87 3.71 -18.00 -15.80
N CYS C 88 2.53 -17.81 -16.37
CA CYS C 88 2.14 -16.49 -16.84
C CYS C 88 1.02 -15.98 -15.96
N GLN C 89 1.05 -14.69 -15.65
CA GLN C 89 0.00 -14.09 -14.82
C GLN C 89 -0.64 -12.95 -15.56
N GLN C 90 -1.97 -12.87 -15.52
CA GLN C 90 -2.67 -11.71 -16.07
C GLN C 90 -3.12 -10.82 -14.92
N TYR C 91 -3.03 -9.52 -15.11
CA TYR C 91 -3.36 -8.59 -14.04
C TYR C 91 -3.98 -7.35 -14.62
N ASN C 92 -5.02 -7.58 -15.42
CA ASN C 92 -5.59 -6.55 -16.26
C ASN C 92 -6.87 -5.99 -15.65
N ASN C 93 -7.74 -6.88 -15.19
CA ASN C 93 -9.09 -6.50 -14.78
C ASN C 93 -9.20 -5.64 -13.52
N TRP C 94 -10.38 -5.05 -13.33
CA TRP C 94 -10.60 -4.24 -12.16
C TRP C 94 -12.09 -4.18 -11.83
N PRO C 95 -12.42 -4.27 -10.54
CA PRO C 95 -11.52 -4.52 -9.44
C PRO C 95 -10.62 -5.69 -9.76
N PRO C 96 -9.51 -5.82 -9.00
CA PRO C 96 -8.45 -6.72 -9.36
C PRO C 96 -8.80 -8.16 -9.01
N ARG C 97 -8.88 -9.01 -10.03
CA ARG C 97 -8.97 -10.45 -9.83
C ARG C 97 -7.96 -11.13 -10.76
N TYR C 98 -6.71 -11.12 -10.35
CA TYR C 98 -5.62 -11.61 -11.18
C TYR C 98 -5.53 -13.11 -11.16
N THR C 99 -5.14 -13.69 -12.29
CA THR C 99 -5.10 -15.14 -12.47
C THR C 99 -3.78 -15.60 -13.10
N PHE C 100 -3.35 -16.79 -12.69
CA PHE C 100 -2.11 -17.41 -13.16
C PHE C 100 -2.42 -18.50 -14.18
N GLY C 101 -1.42 -18.88 -14.96
CA GLY C 101 -1.52 -20.09 -15.79
C GLY C 101 -1.18 -21.33 -14.98
N GLN C 102 -1.43 -22.52 -15.55
CA GLN C 102 -1.15 -23.76 -14.85
C GLN C 102 0.32 -24.13 -14.92
N GLY C 103 1.10 -23.29 -15.60
CA GLY C 103 2.53 -23.51 -15.71
C GLY C 103 2.89 -24.40 -16.90
N THR C 104 4.12 -24.23 -17.37
CA THR C 104 4.71 -25.15 -18.32
C THR C 104 6.00 -25.65 -17.68
N ARG C 105 6.21 -26.96 -17.74
CA ARG C 105 7.42 -27.55 -17.19
C ARG C 105 8.43 -27.74 -18.29
N LEU C 106 9.54 -27.03 -18.16
CA LEU C 106 10.62 -27.05 -19.13
C LEU C 106 11.72 -27.96 -18.62
N GLU C 107 12.08 -28.96 -19.41
CA GLU C 107 13.00 -29.98 -18.95
C GLU C 107 14.06 -30.28 -19.99
N ILE C 108 15.20 -30.75 -19.51
CA ILE C 108 16.30 -31.13 -20.36
C ILE C 108 15.92 -32.37 -21.16
N LYS C 109 16.22 -32.34 -22.45
CA LYS C 109 15.91 -33.46 -23.30
C LYS C 109 17.16 -34.28 -23.54
N ARG C 110 17.07 -35.59 -23.35
CA ARG C 110 18.23 -36.44 -23.59
C ARG C 110 17.92 -37.79 -24.24
N THR C 111 18.97 -38.57 -24.48
CA THR C 111 18.81 -39.86 -25.11
C THR C 111 18.02 -40.77 -24.18
N VAL C 112 17.20 -41.64 -24.74
CA VAL C 112 16.44 -42.58 -23.94
C VAL C 112 17.40 -43.39 -23.08
N ALA C 113 17.06 -43.52 -21.81
CA ALA C 113 17.88 -44.28 -20.86
C ALA C 113 17.00 -45.19 -20.01
N ALA C 114 17.19 -46.50 -20.16
CA ALA C 114 16.39 -47.46 -19.41
C ALA C 114 16.76 -47.46 -17.94
N PRO C 115 15.78 -47.73 -17.07
CA PRO C 115 15.98 -47.75 -15.62
C PRO C 115 16.57 -49.07 -15.13
N SER C 116 17.32 -49.02 -14.03
CA SER C 116 17.78 -50.22 -13.33
C SER C 116 16.71 -50.52 -12.31
N VAL C 117 16.12 -51.72 -12.35
CA VAL C 117 15.02 -51.99 -11.43
C VAL C 117 15.46 -52.76 -10.21
N PHE C 118 15.13 -52.21 -9.04
CA PHE C 118 15.45 -52.84 -7.77
C PHE C 118 14.20 -53.03 -6.93
N ILE C 119 14.12 -54.14 -6.19
CA ILE C 119 12.95 -54.45 -5.37
C ILE C 119 13.29 -54.86 -3.94
N PHE C 120 12.70 -54.16 -2.97
CA PHE C 120 13.01 -54.36 -1.55
C PHE C 120 11.88 -55.05 -0.78
N PRO C 121 12.19 -56.20 -0.16
CA PRO C 121 11.25 -56.82 0.77
C PRO C 121 11.03 -55.92 1.98
N PRO C 122 9.90 -56.09 2.68
CA PRO C 122 9.67 -55.36 3.92
C PRO C 122 10.68 -55.76 4.99
N SER C 123 10.99 -54.83 5.89
CA SER C 123 12.02 -55.05 6.89
C SER C 123 11.53 -55.92 8.04
N ASP C 124 12.47 -56.53 8.75
CA ASP C 124 12.13 -57.29 9.94
C ASP C 124 11.51 -56.35 10.95
N GLU C 125 12.20 -55.23 11.19
CA GLU C 125 11.72 -54.25 12.14
C GLU C 125 10.26 -53.86 11.86
N GLN C 126 9.91 -53.73 10.59
CA GLN C 126 8.55 -53.35 10.20
C GLN C 126 7.55 -54.47 10.37
N LEU C 127 7.80 -55.60 9.71
CA LEU C 127 6.94 -56.77 9.87
C LEU C 127 6.55 -56.95 11.33
N LYS C 128 7.46 -56.59 12.21
CA LYS C 128 7.22 -56.68 13.65
C LYS C 128 6.13 -55.70 14.09
N SER C 129 6.01 -54.59 13.36
CA SER C 129 5.12 -53.49 13.77
C SER C 129 3.68 -53.57 13.24
N GLY C 130 3.39 -54.55 12.40
CA GLY C 130 2.03 -54.76 11.88
C GLY C 130 1.90 -54.60 10.37
N THR C 131 2.36 -53.47 9.85
CA THR C 131 2.27 -53.20 8.42
C THR C 131 3.47 -53.79 7.66
N ALA C 132 3.37 -53.83 6.34
CA ALA C 132 4.46 -54.34 5.48
C ALA C 132 4.55 -53.60 4.13
N SER C 133 5.57 -52.78 3.97
CA SER C 133 5.77 -52.01 2.75
C SER C 133 6.82 -52.68 1.86
N VAL C 134 6.56 -52.73 0.55
CA VAL C 134 7.51 -53.27 -0.42
C VAL C 134 7.90 -52.16 -1.38
N VAL C 135 9.19 -52.01 -1.63
CA VAL C 135 9.63 -50.89 -2.45
C VAL C 135 10.24 -51.30 -3.79
N CYS C 136 9.54 -50.98 -4.86
CA CYS C 136 10.04 -51.21 -6.22
C CYS C 136 10.65 -49.91 -6.74
N LEU C 137 11.94 -49.96 -7.06
CA LEU C 137 12.69 -48.76 -7.44
C LEU C 137 13.07 -48.72 -8.92
N LEU C 138 13.01 -47.54 -9.51
CA LEU C 138 13.43 -47.36 -10.87
C LEU C 138 14.53 -46.30 -10.96
N ASN C 139 15.77 -46.74 -11.08
CA ASN C 139 16.89 -45.81 -10.98
C ASN C 139 17.38 -45.21 -12.30
N ASN C 140 17.56 -43.88 -12.28
CA ASN C 140 18.15 -43.10 -13.38
C ASN C 140 17.72 -43.44 -14.80
N PHE C 141 16.48 -43.09 -15.15
CA PHE C 141 15.95 -43.37 -16.48
C PHE C 141 15.53 -42.09 -17.19
N TYR C 142 15.23 -42.20 -18.48
CA TYR C 142 14.65 -41.11 -19.26
C TYR C 142 14.04 -41.73 -20.51
N PRO C 143 12.88 -41.24 -20.96
CA PRO C 143 12.13 -40.09 -20.46
C PRO C 143 11.34 -40.41 -19.18
N ARG C 144 10.65 -39.43 -18.63
CA ARG C 144 10.04 -39.59 -17.32
C ARG C 144 8.89 -40.61 -17.26
N GLU C 145 8.13 -40.72 -18.35
CA GLU C 145 6.98 -41.64 -18.40
C GLU C 145 7.36 -43.08 -18.06
N ALA C 146 6.48 -43.81 -17.39
CA ALA C 146 6.73 -45.21 -17.02
C ALA C 146 5.50 -45.87 -16.40
N LYS C 147 5.41 -47.19 -16.54
CA LYS C 147 4.29 -47.94 -15.99
C LYS C 147 4.82 -49.00 -15.02
N VAL C 148 4.30 -49.02 -13.79
CA VAL C 148 4.89 -49.87 -12.75
C VAL C 148 3.91 -50.75 -11.97
N GLN C 149 3.25 -51.68 -12.66
CA GLN C 149 2.22 -52.49 -12.02
C GLN C 149 2.77 -53.47 -10.98
N TRP C 150 2.06 -53.60 -9.87
CA TRP C 150 2.37 -54.64 -8.88
C TRP C 150 1.52 -55.89 -9.17
N LYS C 151 2.11 -57.07 -9.00
CA LYS C 151 1.37 -58.32 -9.19
C LYS C 151 1.69 -59.31 -8.09
N VAL C 152 0.78 -59.43 -7.13
CA VAL C 152 0.95 -60.39 -6.06
C VAL C 152 0.41 -61.75 -6.47
N ASP C 153 1.30 -62.74 -6.45
CA ASP C 153 0.99 -64.09 -6.95
C ASP C 153 0.30 -64.06 -8.31
N ASN C 154 0.79 -63.20 -9.19
CA ASN C 154 0.23 -63.08 -10.53
C ASN C 154 -1.16 -62.45 -10.46
N ALA C 155 -1.34 -61.53 -9.53
CA ALA C 155 -2.63 -60.88 -9.35
C ALA C 155 -2.49 -59.36 -9.45
N LEU C 156 -3.01 -58.80 -10.53
CA LEU C 156 -2.91 -57.37 -10.78
C LEU C 156 -3.50 -56.57 -9.62
N GLN C 157 -2.65 -55.83 -8.90
CA GLN C 157 -3.08 -55.01 -7.77
C GLN C 157 -3.71 -53.70 -8.24
N SER C 158 -4.41 -53.02 -7.32
CA SER C 158 -5.09 -51.79 -7.68
C SER C 158 -5.31 -50.90 -6.46
N GLY C 159 -5.07 -49.61 -6.63
CA GLY C 159 -5.23 -48.63 -5.56
C GLY C 159 -4.73 -49.07 -4.19
N ASN C 160 -3.58 -49.73 -4.16
CA ASN C 160 -2.99 -50.18 -2.90
C ASN C 160 -1.48 -49.98 -2.88
N SER C 161 -1.01 -49.01 -3.66
CA SER C 161 0.40 -48.65 -3.72
C SER C 161 0.53 -47.24 -4.27
N GLN C 162 1.65 -46.58 -3.95
CA GLN C 162 1.84 -45.19 -4.31
C GLN C 162 3.21 -44.94 -4.95
N GLU C 163 3.24 -44.08 -5.98
CA GLU C 163 4.48 -43.76 -6.69
C GLU C 163 5.09 -42.45 -6.21
N SER C 164 6.36 -42.23 -6.54
CA SER C 164 7.02 -40.96 -6.21
C SER C 164 8.19 -40.72 -7.16
N VAL C 165 8.23 -39.54 -7.77
CA VAL C 165 9.31 -39.26 -8.74
C VAL C 165 10.20 -38.11 -8.30
N THR C 166 11.48 -38.18 -8.63
CA THR C 166 12.40 -37.11 -8.26
C THR C 166 12.35 -35.98 -9.29
N GLU C 167 12.97 -34.85 -8.97
CA GLU C 167 13.27 -33.84 -9.98
C GLU C 167 14.15 -34.49 -11.04
N GLN C 168 14.55 -33.73 -12.04
CA GLN C 168 15.45 -34.27 -13.05
C GLN C 168 16.86 -34.14 -12.50
N ASP C 169 17.65 -35.20 -12.58
CA ASP C 169 18.98 -35.14 -12.00
C ASP C 169 19.80 -34.04 -12.63
N SER C 170 20.27 -33.10 -11.80
CA SER C 170 21.02 -31.96 -12.32
C SER C 170 22.29 -32.38 -13.05
N LYS C 171 22.77 -33.60 -12.80
CA LYS C 171 24.04 -34.08 -13.35
C LYS C 171 23.90 -34.89 -14.64
N ASP C 172 23.06 -35.91 -14.63
CA ASP C 172 22.89 -36.76 -15.81
C ASP C 172 21.53 -36.57 -16.48
N SER C 173 20.69 -35.73 -15.88
CA SER C 173 19.42 -35.38 -16.50
C SER C 173 18.37 -36.49 -16.55
N THR C 174 18.53 -37.51 -15.70
CA THR C 174 17.55 -38.58 -15.61
C THR C 174 16.62 -38.40 -14.43
N TYR C 175 15.80 -39.43 -14.20
CA TYR C 175 14.87 -39.48 -13.09
C TYR C 175 15.00 -40.81 -12.36
N SER C 176 14.55 -40.85 -11.12
CA SER C 176 14.40 -42.11 -10.40
C SER C 176 13.00 -42.16 -9.81
N LEU C 177 12.47 -43.35 -9.59
CA LEU C 177 11.10 -43.47 -9.12
C LEU C 177 10.85 -44.66 -8.21
N SER C 178 10.09 -44.43 -7.15
CA SER C 178 9.78 -45.47 -6.19
C SER C 178 8.29 -45.79 -6.30
N SER C 179 7.96 -47.08 -6.28
CA SER C 179 6.57 -47.47 -6.15
C SER C 179 6.42 -48.32 -4.90
N THR C 180 5.65 -47.84 -3.95
CA THR C 180 5.58 -48.48 -2.65
C THR C 180 4.26 -49.24 -2.46
N LEU C 181 4.36 -50.54 -2.21
CA LEU C 181 3.19 -51.36 -1.92
C LEU C 181 3.05 -51.56 -0.42
N THR C 182 1.84 -51.33 0.09
CA THR C 182 1.59 -51.47 1.51
C THR C 182 0.32 -52.28 1.72
N LEU C 183 0.45 -53.38 2.44
CA LEU C 183 -0.71 -54.18 2.83
C LEU C 183 -0.50 -54.88 4.18
N SER C 184 -1.60 -55.16 4.88
CA SER C 184 -1.51 -55.74 6.22
C SER C 184 -0.55 -56.92 6.27
N LYS C 185 0.14 -57.08 7.39
CA LYS C 185 1.00 -58.24 7.57
C LYS C 185 0.22 -59.52 7.23
N ALA C 186 -1.07 -59.52 7.55
CA ALA C 186 -1.93 -60.68 7.30
C ALA C 186 -2.08 -61.00 5.81
N ASP C 187 -2.55 -60.02 5.04
CA ASP C 187 -2.74 -60.20 3.58
C ASP C 187 -1.42 -60.62 2.97
N TYR C 188 -0.39 -59.87 3.30
CA TYR C 188 0.97 -60.16 2.89
C TYR C 188 1.22 -61.65 2.87
N GLU C 189 1.49 -62.21 4.05
CA GLU C 189 1.78 -63.62 4.18
C GLU C 189 0.73 -64.49 3.51
N LYS C 190 -0.48 -63.97 3.36
CA LYS C 190 -1.53 -64.71 2.67
C LYS C 190 -1.09 -65.07 1.25
N HIS C 191 -0.04 -64.41 0.78
CA HIS C 191 0.50 -64.68 -0.55
C HIS C 191 2.01 -64.92 -0.54
N LYS C 192 2.52 -65.35 -1.69
CA LYS C 192 3.86 -65.91 -1.78
C LYS C 192 4.89 -65.09 -2.56
N VAL C 193 4.61 -64.81 -3.82
CA VAL C 193 5.58 -64.12 -4.68
C VAL C 193 5.16 -62.69 -5.01
N TYR C 194 6.06 -61.74 -4.73
CA TYR C 194 5.75 -60.32 -4.91
C TYR C 194 6.49 -59.66 -6.07
N ALA C 195 5.76 -59.42 -7.16
CA ALA C 195 6.37 -58.89 -8.37
C ALA C 195 5.98 -57.45 -8.67
N CYS C 196 6.95 -56.66 -9.11
CA CYS C 196 6.69 -55.34 -9.69
C CYS C 196 7.15 -55.32 -11.16
N GLU C 197 6.21 -55.05 -12.06
CA GLU C 197 6.42 -55.12 -13.50
C GLU C 197 6.57 -53.74 -14.13
N VAL C 198 7.76 -53.43 -14.64
CA VAL C 198 8.03 -52.09 -15.15
C VAL C 198 8.05 -51.98 -16.66
N THR C 199 7.36 -50.97 -17.20
CA THR C 199 7.39 -50.69 -18.63
C THR C 199 7.97 -49.29 -18.91
N HIS C 200 9.06 -49.24 -19.66
CA HIS C 200 9.69 -47.98 -20.03
C HIS C 200 10.08 -48.01 -21.50
N GLN C 201 10.23 -46.84 -22.09
CA GLN C 201 10.54 -46.78 -23.50
C GLN C 201 11.94 -47.33 -23.72
N GLY C 202 12.79 -47.17 -22.70
CA GLY C 202 14.18 -47.62 -22.79
C GLY C 202 14.33 -49.12 -22.72
N LEU C 203 13.21 -49.83 -22.71
CA LEU C 203 13.18 -51.28 -22.54
C LEU C 203 12.47 -51.98 -23.69
N SER C 204 12.95 -53.17 -24.02
CA SER C 204 12.37 -53.97 -25.09
C SER C 204 11.05 -54.65 -24.67
N SER C 205 11.13 -55.55 -23.69
CA SER C 205 9.93 -56.11 -23.08
C SER C 205 9.78 -55.52 -21.69
N PRO C 206 8.55 -55.48 -21.16
CA PRO C 206 8.42 -54.99 -19.80
C PRO C 206 9.32 -55.80 -18.85
N VAL C 207 10.06 -55.11 -17.99
CA VAL C 207 10.93 -55.77 -17.02
C VAL C 207 10.18 -56.15 -15.74
N THR C 208 10.49 -57.33 -15.19
CA THR C 208 9.87 -57.80 -13.95
C THR C 208 10.92 -58.09 -12.87
N LYS C 209 10.69 -57.61 -11.65
CA LYS C 209 11.58 -57.86 -10.53
C LYS C 209 10.78 -58.39 -9.35
N SER C 210 11.16 -59.54 -8.81
CA SER C 210 10.39 -60.13 -7.73
C SER C 210 11.16 -61.06 -6.78
N PHE C 211 10.54 -61.38 -5.65
CA PHE C 211 11.12 -62.28 -4.66
C PHE C 211 10.02 -63.11 -4.00
N ASN C 212 10.36 -64.29 -3.50
CA ASN C 212 9.44 -65.05 -2.66
C ASN C 212 9.62 -64.66 -1.21
N ARG C 213 8.53 -64.75 -0.44
CA ARG C 213 8.59 -64.45 0.98
C ARG C 213 9.52 -65.43 1.68
N GLY C 214 10.76 -65.00 1.94
CA GLY C 214 11.76 -65.88 2.54
C GLY C 214 13.17 -65.54 2.09
N GLU D 1 15.11 -2.04 -3.68
CA GLU D 1 15.38 -3.50 -3.48
C GLU D 1 15.04 -3.99 -2.06
N VAL D 2 13.75 -4.18 -1.85
CA VAL D 2 13.23 -4.63 -0.57
C VAL D 2 13.51 -6.12 -0.35
N GLN D 3 13.67 -6.52 0.91
CA GLN D 3 13.78 -7.94 1.26
C GLN D 3 12.56 -8.38 2.07
N LEU D 4 11.85 -9.41 1.57
CA LEU D 4 10.68 -9.95 2.25
C LEU D 4 10.97 -11.24 3.02
N VAL D 5 10.85 -11.18 4.33
CA VAL D 5 11.11 -12.35 5.17
C VAL D 5 9.85 -12.81 5.90
N GLU D 6 9.39 -14.02 5.62
CA GLU D 6 8.13 -14.49 6.19
C GLU D 6 8.35 -15.17 7.52
N SER D 7 7.25 -15.59 8.14
CA SER D 7 7.28 -16.31 9.40
C SER D 7 7.28 -17.83 9.20
N GLY D 8 7.55 -18.56 10.28
CA GLY D 8 7.72 -20.02 10.23
C GLY D 8 6.48 -20.78 9.83
N ALA D 9 6.63 -22.09 9.68
CA ALA D 9 5.54 -22.94 9.18
C ALA D 9 4.44 -23.05 10.21
N GLU D 10 3.21 -23.23 9.74
CA GLU D 10 2.06 -23.40 10.64
C GLU D 10 1.43 -24.78 10.51
N VAL D 11 0.96 -25.33 11.62
CA VAL D 11 0.21 -26.58 11.59
C VAL D 11 -1.17 -26.36 12.18
N LYS D 12 -2.19 -26.49 11.35
CA LYS D 12 -3.54 -26.17 11.79
C LYS D 12 -4.47 -27.34 11.62
N LYS D 13 -5.44 -27.44 12.53
CA LYS D 13 -6.54 -28.40 12.39
C LYS D 13 -7.61 -27.72 11.53
N PRO D 14 -8.31 -28.49 10.67
CA PRO D 14 -9.33 -27.83 9.89
C PRO D 14 -10.24 -27.03 10.83
N GLY D 15 -10.73 -25.89 10.36
CA GLY D 15 -11.61 -25.06 11.19
C GLY D 15 -10.88 -23.97 11.94
N SER D 16 -9.64 -24.25 12.32
CA SER D 16 -8.78 -23.25 12.91
C SER D 16 -8.59 -22.14 11.89
N SER D 17 -8.05 -21.02 12.35
CA SER D 17 -7.68 -19.93 11.44
C SER D 17 -6.18 -19.71 11.57
N VAL D 18 -5.55 -19.09 10.58
CA VAL D 18 -4.12 -18.87 10.63
C VAL D 18 -3.77 -17.47 10.21
N LYS D 19 -2.70 -16.94 10.79
CA LYS D 19 -2.22 -15.62 10.44
C LYS D 19 -0.72 -15.66 10.22
N VAL D 20 -0.32 -15.48 8.96
CA VAL D 20 1.07 -15.49 8.56
C VAL D 20 1.52 -14.04 8.40
N SER D 21 2.76 -13.74 8.75
CA SER D 21 3.28 -12.38 8.55
C SER D 21 4.42 -12.32 7.54
N CYS D 22 4.95 -11.12 7.32
CA CYS D 22 5.96 -10.90 6.31
C CYS D 22 6.66 -9.56 6.50
N LYS D 23 7.78 -9.58 7.20
CA LYS D 23 8.53 -8.36 7.47
C LYS D 23 9.23 -7.90 6.20
N ALA D 24 9.10 -6.61 5.86
CA ALA D 24 9.63 -6.07 4.62
C ALA D 24 10.76 -5.07 4.84
N SER D 25 11.99 -5.47 4.49
CA SER D 25 13.19 -4.67 4.79
C SER D 25 13.73 -3.82 3.64
N GLY D 26 14.33 -2.69 4.01
CA GLY D 26 15.22 -1.95 3.12
C GLY D 26 14.59 -1.20 1.96
N ASP D 27 13.85 -0.16 2.28
CA ASP D 27 13.22 0.66 1.25
C ASP D 27 12.06 1.40 1.91
N THR D 28 11.06 1.77 1.13
CA THR D 28 9.93 2.48 1.70
C THR D 28 8.63 1.67 1.63
N PHE D 29 8.23 1.15 2.78
CA PHE D 29 7.08 0.28 2.86
C PHE D 29 5.88 0.79 2.08
N ILE D 30 5.45 2.03 2.36
CA ILE D 30 4.24 2.58 1.74
C ILE D 30 4.35 2.84 0.26
N ARG D 31 5.50 2.53 -0.33
CA ARG D 31 5.66 2.69 -1.76
C ARG D 31 5.47 1.37 -2.48
N TYR D 32 5.24 0.31 -1.71
CA TYR D 32 5.05 -1.02 -2.25
C TYR D 32 3.61 -1.51 -2.01
N SER D 33 3.17 -2.43 -2.84
CA SER D 33 1.92 -3.12 -2.58
C SER D 33 2.23 -4.59 -2.43
N PHE D 34 1.52 -5.26 -1.53
CA PHE D 34 1.85 -6.64 -1.24
C PHE D 34 0.71 -7.58 -1.58
N THR D 35 1.07 -8.71 -2.15
CA THR D 35 0.12 -9.65 -2.66
C THR D 35 0.48 -11.00 -2.11
N TRP D 36 -0.49 -11.68 -1.53
CA TRP D 36 -0.25 -13.04 -1.08
C TRP D 36 -0.63 -14.02 -2.17
N VAL D 37 0.27 -14.96 -2.40
CA VAL D 37 0.03 -16.00 -3.39
C VAL D 37 0.35 -17.35 -2.79
N ARG D 38 -0.45 -18.36 -3.12
CA ARG D 38 -0.21 -19.66 -2.54
C ARG D 38 -0.15 -20.75 -3.58
N GLN D 39 0.28 -21.92 -3.12
CA GLN D 39 0.54 -23.02 -4.03
C GLN D 39 0.40 -24.33 -3.28
N ALA D 40 -0.59 -25.13 -3.67
CA ALA D 40 -0.71 -26.48 -3.10
C ALA D 40 0.41 -27.33 -3.68
N PRO D 41 0.90 -28.32 -2.92
CA PRO D 41 1.90 -29.25 -3.46
C PRO D 41 1.49 -29.79 -4.84
N GLY D 42 2.46 -30.01 -5.72
CA GLY D 42 2.17 -30.52 -7.05
C GLY D 42 1.20 -29.67 -7.84
N GLN D 43 0.73 -28.58 -7.24
CA GLN D 43 -0.20 -27.68 -7.91
C GLN D 43 0.42 -26.33 -8.30
N GLY D 44 -0.33 -25.53 -9.03
CA GLY D 44 0.18 -24.24 -9.50
C GLY D 44 0.00 -23.07 -8.54
N LEU D 45 0.06 -21.86 -9.07
CA LEU D 45 0.01 -20.68 -8.25
C LEU D 45 -1.40 -20.07 -8.24
N GLU D 46 -1.79 -19.50 -7.09
CA GLU D 46 -3.11 -18.95 -6.95
C GLU D 46 -3.04 -17.62 -6.24
N TRP D 47 -3.48 -16.59 -6.95
CA TRP D 47 -3.55 -15.25 -6.40
C TRP D 47 -4.54 -15.26 -5.24
N MET D 48 -4.11 -14.78 -4.08
CA MET D 48 -5.02 -14.70 -2.97
C MET D 48 -5.67 -13.34 -2.82
N GLY D 49 -4.86 -12.29 -2.84
CA GLY D 49 -5.36 -10.93 -2.70
C GLY D 49 -4.20 -9.96 -2.77
N ARG D 50 -4.48 -8.68 -2.53
CA ARG D 50 -3.46 -7.66 -2.67
C ARG D 50 -3.77 -6.40 -1.88
N ILE D 51 -2.81 -5.91 -1.11
CA ILE D 51 -3.06 -4.69 -0.36
C ILE D 51 -2.33 -3.47 -0.92
N ILE D 52 -3.07 -2.38 -1.05
CA ILE D 52 -2.50 -1.09 -1.41
C ILE D 52 -2.08 -0.41 -0.12
N THR D 53 -0.88 -0.75 0.31
CA THR D 53 -0.34 -0.38 1.60
C THR D 53 -0.61 1.05 2.07
N ILE D 54 -0.57 2.01 1.16
CA ILE D 54 -0.67 3.40 1.55
C ILE D 54 -2.10 3.82 1.83
N LEU D 55 -3.05 3.00 1.38
CA LEU D 55 -4.48 3.29 1.58
C LEU D 55 -5.09 2.29 2.55
N ASP D 56 -4.35 1.25 2.89
CA ASP D 56 -4.88 0.18 3.72
C ASP D 56 -6.13 -0.45 3.11
N VAL D 57 -6.17 -0.48 1.78
CA VAL D 57 -7.26 -1.10 1.06
C VAL D 57 -6.79 -2.38 0.38
N ALA D 58 -7.37 -3.51 0.79
CA ALA D 58 -7.01 -4.79 0.19
C ALA D 58 -8.15 -5.35 -0.66
N HIS D 59 -7.82 -6.07 -1.72
CA HIS D 59 -8.82 -6.69 -2.57
C HIS D 59 -8.51 -8.19 -2.68
N TYR D 60 -9.52 -9.02 -2.87
CA TYR D 60 -9.32 -10.46 -2.74
C TYR D 60 -9.91 -11.31 -3.86
N ALA D 61 -9.35 -12.49 -4.06
CA ALA D 61 -9.96 -13.47 -4.95
C ALA D 61 -11.40 -13.74 -4.53
N PRO D 62 -12.29 -13.86 -5.51
CA PRO D 62 -13.71 -14.02 -5.22
C PRO D 62 -14.02 -15.34 -4.50
N HIS D 63 -13.12 -16.31 -4.59
CA HIS D 63 -13.41 -17.63 -4.03
C HIS D 63 -12.78 -17.82 -2.63
N LEU D 64 -12.30 -16.74 -2.04
CA LEU D 64 -11.83 -16.78 -0.65
C LEU D 64 -12.65 -15.78 0.16
N GLN D 65 -13.13 -14.74 -0.55
CA GLN D 65 -13.91 -13.64 0.02
C GLN D 65 -14.62 -14.04 1.32
N GLY D 66 -14.50 -13.17 2.32
CA GLY D 66 -15.17 -13.39 3.58
C GLY D 66 -14.31 -14.12 4.60
N ARG D 67 -13.36 -14.93 4.14
CA ARG D 67 -12.59 -15.70 5.09
C ARG D 67 -11.10 -15.48 4.97
N VAL D 68 -10.75 -14.46 4.20
CA VAL D 68 -9.36 -14.07 4.07
C VAL D 68 -9.24 -12.59 4.34
N THR D 69 -8.25 -12.22 5.14
CA THR D 69 -7.99 -10.83 5.46
C THR D 69 -6.51 -10.54 5.28
N ILE D 70 -6.20 -9.44 4.61
CA ILE D 70 -4.81 -9.01 4.49
C ILE D 70 -4.63 -7.63 5.11
N THR D 71 -3.60 -7.47 5.92
CA THR D 71 -3.38 -6.21 6.61
C THR D 71 -1.91 -5.81 6.68
N ALA D 72 -1.66 -4.58 7.10
CA ALA D 72 -0.30 -4.07 7.10
C ALA D 72 -0.07 -3.04 8.18
N ASP D 73 0.89 -3.32 9.06
CA ASP D 73 1.28 -2.37 10.10
C ASP D 73 2.44 -1.49 9.63
N LYS D 74 2.13 -0.25 9.26
CA LYS D 74 3.13 0.65 8.69
C LYS D 74 4.26 0.95 9.67
N SER D 75 3.99 0.76 10.95
CA SER D 75 4.94 1.14 11.97
C SER D 75 6.02 0.09 12.23
N THR D 76 5.93 -1.04 11.54
CA THR D 76 6.97 -2.07 11.60
C THR D 76 7.13 -2.79 10.27
N SER D 77 6.60 -2.18 9.21
CA SER D 77 6.76 -2.68 7.86
C SER D 77 6.44 -4.15 7.76
N THR D 78 5.37 -4.57 8.41
CA THR D 78 5.02 -5.98 8.39
C THR D 78 3.68 -6.15 7.71
N VAL D 79 3.54 -7.23 6.95
CA VAL D 79 2.26 -7.54 6.31
C VAL D 79 1.67 -8.85 6.81
N TYR D 80 0.35 -8.94 6.79
CA TYR D 80 -0.33 -10.08 7.39
C TYR D 80 -1.35 -10.71 6.48
N LEU D 81 -1.42 -12.03 6.49
CA LEU D 81 -2.47 -12.78 5.81
C LEU D 81 -3.27 -13.54 6.84
N GLU D 82 -4.60 -13.40 6.81
CA GLU D 82 -5.44 -14.19 7.71
C GLU D 82 -6.41 -15.07 6.95
N LEU D 83 -6.26 -16.37 7.13
CA LEU D 83 -7.20 -17.31 6.55
C LEU D 83 -8.08 -17.89 7.66
N ARG D 84 -9.39 -17.68 7.53
CA ARG D 84 -10.34 -18.16 8.52
C ARG D 84 -11.00 -19.44 8.05
N ASN D 85 -11.62 -20.18 8.97
CA ASN D 85 -12.25 -21.48 8.67
C ASN D 85 -11.44 -22.38 7.74
N LEU D 86 -10.24 -22.75 8.17
CA LEU D 86 -9.30 -23.50 7.33
C LEU D 86 -9.82 -24.88 6.93
N ARG D 87 -9.43 -25.32 5.73
CA ARG D 87 -9.81 -26.64 5.21
C ARG D 87 -8.56 -27.43 4.87
N SER D 88 -8.70 -28.74 4.69
CA SER D 88 -7.53 -29.54 4.37
C SER D 88 -6.93 -29.05 3.06
N ASP D 89 -7.81 -28.75 2.10
CA ASP D 89 -7.37 -28.23 0.82
C ASP D 89 -6.78 -26.82 0.91
N ASP D 90 -6.72 -26.26 2.11
CA ASP D 90 -6.03 -24.98 2.28
C ASP D 90 -4.56 -25.20 2.57
N THR D 91 -4.19 -26.48 2.77
CA THR D 91 -2.79 -26.86 2.94
C THR D 91 -2.03 -26.40 1.72
N ALA D 92 -1.08 -25.48 1.91
CA ALA D 92 -0.20 -25.04 0.80
C ALA D 92 1.00 -24.29 1.32
N VAL D 93 1.83 -23.78 0.43
CA VAL D 93 2.83 -22.81 0.82
C VAL D 93 2.28 -21.43 0.47
N TYR D 94 2.15 -20.57 1.48
CA TYR D 94 1.71 -19.20 1.24
C TYR D 94 2.90 -18.25 1.13
N PHE D 95 2.97 -17.60 -0.02
CA PHE D 95 4.05 -16.69 -0.34
C PHE D 95 3.60 -15.27 -0.14
N CYS D 96 4.59 -14.42 0.08
CA CYS D 96 4.34 -13.03 0.27
C CYS D 96 5.13 -12.31 -0.80
N ALA D 97 4.47 -11.47 -1.59
CA ALA D 97 5.14 -10.79 -2.71
C ALA D 97 4.76 -9.32 -2.85
N GLY D 98 5.64 -8.54 -3.47
CA GLY D 98 5.42 -7.11 -3.60
C GLY D 98 6.19 -6.46 -4.74
N VAL D 99 5.58 -5.43 -5.33
CA VAL D 99 6.21 -4.64 -6.37
C VAL D 99 6.29 -3.17 -5.91
N TYR D 100 7.24 -2.41 -6.48
CA TYR D 100 7.38 -0.98 -6.18
C TYR D 100 6.40 -0.21 -7.04
N GLU D 101 5.71 0.76 -6.47
CA GLU D 101 4.55 1.32 -7.14
C GLU D 101 4.65 2.79 -7.51
N GLY D 102 5.74 3.44 -7.10
CA GLY D 102 5.96 4.84 -7.42
C GLY D 102 6.10 5.67 -6.16
N GLU D 103 6.31 6.98 -6.34
CA GLU D 103 6.45 7.89 -5.21
C GLU D 103 5.08 8.11 -4.56
N ALA D 104 4.56 7.04 -3.96
CA ALA D 104 3.19 7.02 -3.47
C ALA D 104 2.89 8.19 -2.53
N ASP D 105 3.70 8.34 -1.50
CA ASP D 105 3.52 9.41 -0.55
C ASP D 105 3.41 10.77 -1.24
N GLU D 106 3.66 10.80 -2.54
CA GLU D 106 3.54 12.04 -3.29
C GLU D 106 2.51 11.94 -4.41
N GLY D 107 1.55 11.04 -4.26
CA GLY D 107 0.43 10.93 -5.18
C GLY D 107 0.61 9.92 -6.30
N GLU D 108 1.84 9.45 -6.49
CA GLU D 108 2.17 8.61 -7.64
C GLU D 108 1.93 7.12 -7.41
N TYR D 109 1.15 6.51 -8.29
CA TYR D 109 0.74 5.13 -8.07
C TYR D 109 0.42 4.36 -9.35
N ASP D 110 1.34 3.49 -9.75
CA ASP D 110 1.23 2.75 -11.00
C ASP D 110 0.10 1.74 -10.93
N ASN D 111 -0.09 1.19 -9.73
CA ASN D 111 -1.02 0.10 -9.52
C ASN D 111 -0.61 -1.14 -10.30
N ASN D 112 0.70 -1.38 -10.36
CA ASN D 112 1.27 -2.59 -10.96
C ASN D 112 0.73 -3.85 -10.31
N GLY D 113 0.39 -4.83 -11.14
CA GLY D 113 -0.14 -6.10 -10.63
C GLY D 113 0.82 -7.24 -10.85
N PHE D 114 2.07 -6.96 -11.16
CA PHE D 114 3.08 -8.00 -11.14
C PHE D 114 3.79 -8.03 -9.78
N LEU D 115 4.73 -8.95 -9.61
CA LEU D 115 5.30 -9.21 -8.30
C LEU D 115 6.78 -9.45 -8.44
N LYS D 116 7.57 -8.44 -8.14
CA LYS D 116 9.01 -8.53 -8.32
C LYS D 116 9.73 -9.16 -7.12
N HIS D 117 9.27 -8.83 -5.91
CA HIS D 117 9.93 -9.30 -4.71
C HIS D 117 9.14 -10.39 -3.98
N TRP D 118 9.82 -11.46 -3.59
CA TRP D 118 9.14 -12.56 -2.92
C TRP D 118 9.76 -12.89 -1.56
N GLY D 119 8.98 -13.57 -0.73
CA GLY D 119 9.48 -14.14 0.50
C GLY D 119 9.84 -15.57 0.21
N GLN D 120 10.48 -16.24 1.18
CA GLN D 120 10.96 -17.60 1.02
C GLN D 120 9.82 -18.60 1.02
N GLY D 121 8.63 -18.14 1.41
CA GLY D 121 7.46 -19.02 1.47
C GLY D 121 7.18 -19.46 2.90
N THR D 122 5.91 -19.69 3.21
CA THR D 122 5.51 -20.28 4.50
C THR D 122 4.63 -21.50 4.26
N LEU D 123 4.99 -22.62 4.83
CA LEU D 123 4.20 -23.81 4.66
C LEU D 123 3.07 -23.80 5.68
N VAL D 124 1.84 -23.88 5.24
CA VAL D 124 0.73 -24.04 6.17
C VAL D 124 0.00 -25.35 5.88
N THR D 125 0.05 -26.27 6.84
CA THR D 125 -0.54 -27.59 6.69
C THR D 125 -1.82 -27.70 7.51
N VAL D 126 -2.91 -28.04 6.85
CA VAL D 126 -4.19 -28.16 7.53
C VAL D 126 -4.66 -29.61 7.52
N SER D 127 -4.72 -30.22 8.71
CA SER D 127 -4.99 -31.64 8.81
C SER D 127 -5.37 -32.11 10.22
N SER D 128 -6.19 -33.17 10.27
CA SER D 128 -6.54 -33.87 11.51
C SER D 128 -5.32 -34.44 12.22
N ALA D 129 -4.38 -34.95 11.42
CA ALA D 129 -3.19 -35.56 11.99
C ALA D 129 -2.59 -34.67 13.07
N SER D 130 -1.98 -35.31 14.06
CA SER D 130 -1.23 -34.63 15.12
C SER D 130 0.25 -34.90 14.97
N THR D 131 1.08 -33.90 15.28
CA THR D 131 2.52 -34.05 15.10
C THR D 131 3.07 -35.35 15.67
N LYS D 132 3.81 -36.08 14.83
CA LYS D 132 4.43 -37.32 15.23
C LYS D 132 5.62 -37.68 14.35
N GLY D 133 6.67 -38.23 14.97
CA GLY D 133 7.91 -38.59 14.26
C GLY D 133 7.82 -39.89 13.46
N PRO D 134 8.72 -40.07 12.49
CA PRO D 134 8.58 -41.19 11.57
C PRO D 134 9.21 -42.45 12.12
N SER D 135 8.74 -43.59 11.63
CA SER D 135 9.40 -44.85 11.85
C SER D 135 10.38 -44.98 10.70
N VAL D 136 11.60 -45.41 10.98
CA VAL D 136 12.61 -45.54 9.94
C VAL D 136 13.03 -46.99 9.74
N PHE D 137 12.72 -47.56 8.58
CA PHE D 137 13.13 -48.93 8.28
C PHE D 137 14.15 -49.00 7.17
N PRO D 138 15.09 -49.94 7.27
CA PRO D 138 16.16 -50.08 6.29
C PRO D 138 15.66 -50.81 5.05
N LEU D 139 16.11 -50.37 3.88
CA LEU D 139 15.86 -51.12 2.67
C LEU D 139 17.09 -51.97 2.35
N ALA D 140 17.25 -53.07 3.10
CA ALA D 140 18.42 -53.92 2.95
C ALA D 140 18.72 -54.26 1.49
N PRO D 141 19.98 -54.11 1.08
CA PRO D 141 20.47 -54.36 -0.27
C PRO D 141 20.47 -55.83 -0.68
N SER D 142 20.61 -56.08 -1.99
CA SER D 142 20.75 -57.42 -2.55
C SER D 142 20.07 -57.54 -3.90
N GLY D 149 26.12 -57.20 -9.95
CA GLY D 149 26.88 -56.17 -10.66
C GLY D 149 26.91 -54.84 -9.93
N THR D 150 25.73 -54.39 -9.46
CA THR D 150 25.60 -53.13 -8.74
C THR D 150 24.61 -53.25 -7.57
N ALA D 151 24.86 -52.50 -6.51
CA ALA D 151 24.06 -52.58 -5.30
C ALA D 151 23.38 -51.25 -4.97
N ALA D 152 22.13 -51.34 -4.52
CA ALA D 152 21.36 -50.16 -4.11
C ALA D 152 20.65 -50.41 -2.78
N LEU D 153 20.86 -49.52 -1.82
CA LEU D 153 20.24 -49.64 -0.48
C LEU D 153 19.54 -48.34 -0.08
N GLY D 154 18.83 -48.36 1.04
CA GLY D 154 18.18 -47.16 1.51
C GLY D 154 17.47 -47.22 2.85
N CYS D 155 16.63 -46.20 3.08
CA CYS D 155 15.83 -46.07 4.28
C CYS D 155 14.37 -45.81 3.95
N LEU D 156 13.48 -46.52 4.63
CA LEU D 156 12.06 -46.26 4.50
C LEU D 156 11.60 -45.35 5.64
N VAL D 157 11.34 -44.09 5.33
CA VAL D 157 10.91 -43.12 6.34
C VAL D 157 9.39 -43.03 6.34
N LYS D 158 8.76 -43.60 7.37
CA LYS D 158 7.32 -43.87 7.26
C LYS D 158 6.43 -43.41 8.43
N ASP D 159 5.33 -42.74 8.09
CA ASP D 159 4.30 -42.41 9.07
C ASP D 159 4.64 -41.27 10.00
N TYR D 160 4.87 -40.10 9.41
CA TYR D 160 5.13 -38.91 10.20
C TYR D 160 4.21 -37.80 9.73
N PHE D 161 4.09 -36.77 10.55
CA PHE D 161 3.38 -35.54 10.19
C PHE D 161 3.86 -34.43 11.13
N PRO D 162 3.96 -33.18 10.63
CA PRO D 162 3.76 -32.77 9.25
C PRO D 162 5.07 -32.80 8.50
N GLU D 163 5.06 -32.32 7.26
CA GLU D 163 6.28 -32.06 6.52
C GLU D 163 7.03 -30.94 7.25
N PRO D 164 8.35 -30.83 7.00
CA PRO D 164 9.10 -31.71 6.14
C PRO D 164 10.02 -32.59 6.97
N VAL D 165 10.61 -33.61 6.35
CA VAL D 165 11.65 -34.38 7.01
C VAL D 165 12.93 -34.30 6.18
N THR D 166 14.09 -34.41 6.83
CA THR D 166 15.36 -34.29 6.12
C THR D 166 16.14 -35.59 6.21
N VAL D 167 16.64 -36.07 5.08
CA VAL D 167 17.48 -37.26 5.12
C VAL D 167 18.90 -36.95 4.65
N SER D 168 19.87 -37.64 5.24
CA SER D 168 21.24 -37.58 4.79
C SER D 168 21.90 -38.91 5.08
N TRP D 169 23.06 -39.13 4.48
CA TRP D 169 23.77 -40.40 4.66
C TRP D 169 25.16 -40.20 5.24
N ASN D 170 25.52 -41.07 6.19
CA ASN D 170 26.80 -40.99 6.86
C ASN D 170 27.10 -39.55 7.25
N SER D 171 26.09 -38.92 7.86
CA SER D 171 26.20 -37.56 8.37
C SER D 171 26.68 -36.58 7.30
N GLY D 172 26.00 -36.58 6.15
CA GLY D 172 26.36 -35.73 5.03
C GLY D 172 27.78 -35.96 4.54
N ALA D 173 28.31 -37.16 4.76
CA ALA D 173 29.62 -37.52 4.23
C ALA D 173 29.43 -38.26 2.92
N LEU D 174 28.26 -38.89 2.79
CA LEU D 174 27.93 -39.65 1.60
C LEU D 174 26.86 -38.92 0.79
N THR D 175 27.28 -38.08 -0.15
CA THR D 175 26.33 -37.31 -0.95
C THR D 175 26.07 -37.95 -2.32
N SER D 176 27.14 -38.44 -2.94
CA SER D 176 27.11 -39.04 -4.26
C SER D 176 26.06 -40.15 -4.44
N GLY D 177 25.30 -40.06 -5.52
CA GLY D 177 24.32 -41.09 -5.87
C GLY D 177 23.18 -41.27 -4.89
N VAL D 178 22.77 -40.18 -4.24
CA VAL D 178 21.67 -40.21 -3.26
C VAL D 178 20.39 -39.62 -3.82
N HIS D 179 19.32 -40.39 -3.72
CA HIS D 179 18.00 -39.94 -4.11
C HIS D 179 17.08 -39.97 -2.90
N THR D 180 16.65 -38.78 -2.46
CA THR D 180 15.67 -38.69 -1.38
C THR D 180 14.34 -38.24 -1.99
N PHE D 181 13.38 -39.16 -2.10
CA PHE D 181 12.13 -38.89 -2.81
C PHE D 181 11.22 -37.85 -2.17
N PRO D 182 10.39 -37.20 -2.98
CA PRO D 182 9.42 -36.33 -2.36
C PRO D 182 8.42 -37.21 -1.62
N ALA D 183 7.91 -36.70 -0.51
CA ALA D 183 7.00 -37.46 0.34
C ALA D 183 5.63 -37.71 -0.31
N VAL D 184 4.96 -38.78 0.11
CA VAL D 184 3.58 -38.99 -0.30
C VAL D 184 2.73 -38.97 0.94
N LEU D 185 1.49 -38.53 0.77
CA LEU D 185 0.54 -38.51 1.86
C LEU D 185 -0.25 -39.80 1.76
N GLN D 186 -0.01 -40.73 2.68
CA GLN D 186 -0.75 -41.99 2.67
C GLN D 186 -2.22 -41.76 3.01
N SER D 187 -3.05 -42.77 2.78
CA SER D 187 -4.49 -42.63 3.02
C SER D 187 -4.78 -42.49 4.53
N SER D 188 -3.76 -42.76 5.34
CA SER D 188 -3.90 -42.66 6.78
C SER D 188 -3.86 -41.21 7.24
N GLY D 189 -3.39 -40.33 6.38
CA GLY D 189 -3.21 -38.93 6.77
C GLY D 189 -1.76 -38.66 7.12
N LEU D 190 -0.96 -39.72 7.08
CA LEU D 190 0.43 -39.60 7.41
C LEU D 190 1.30 -39.68 6.16
N TYR D 191 2.44 -39.00 6.21
CA TYR D 191 3.41 -39.05 5.12
C TYR D 191 4.36 -40.21 5.31
N SER D 192 5.08 -40.49 4.23
CA SER D 192 5.97 -41.62 4.15
C SER D 192 6.76 -41.43 2.86
N LEU D 193 8.09 -41.53 2.93
CA LEU D 193 8.91 -41.43 1.74
C LEU D 193 10.10 -42.39 1.81
N SER D 194 10.83 -42.50 0.70
CA SER D 194 12.03 -43.34 0.67
C SER D 194 13.28 -42.53 0.29
N SER D 195 14.43 -42.93 0.84
CA SER D 195 15.70 -42.37 0.39
C SER D 195 16.67 -43.48 0.04
N VAL D 196 17.10 -43.51 -1.21
CA VAL D 196 17.97 -44.58 -1.69
C VAL D 196 19.28 -44.04 -2.21
N VAL D 197 20.34 -44.83 -2.07
CA VAL D 197 21.64 -44.53 -2.67
C VAL D 197 22.21 -45.80 -3.32
N THR D 198 23.05 -45.63 -4.32
CA THR D 198 23.71 -46.79 -4.93
C THR D 198 25.21 -46.74 -4.69
N VAL D 199 25.78 -47.90 -4.42
CA VAL D 199 27.20 -48.01 -4.12
C VAL D 199 27.77 -49.25 -4.77
N PRO D 200 29.09 -49.45 -4.62
CA PRO D 200 29.81 -50.65 -5.03
C PRO D 200 29.47 -51.83 -4.13
N SER D 201 29.35 -53.02 -4.71
CA SER D 201 29.11 -54.23 -3.93
C SER D 201 30.33 -54.56 -3.09
N SER D 202 31.50 -54.21 -3.61
CA SER D 202 32.75 -54.41 -2.88
C SER D 202 32.87 -53.37 -1.78
N SER D 203 31.75 -52.76 -1.42
CA SER D 203 31.71 -51.79 -0.34
C SER D 203 31.05 -52.40 0.91
N LEU D 204 30.18 -53.39 0.69
CA LEU D 204 29.60 -54.13 1.80
C LEU D 204 30.67 -55.08 2.31
N GLY D 205 30.94 -55.01 3.61
CA GLY D 205 32.04 -55.77 4.20
C GLY D 205 33.04 -54.80 4.83
N THR D 206 33.05 -53.57 4.28
CA THR D 206 33.94 -52.54 4.80
C THR D 206 33.16 -51.29 5.20
N GLN D 207 32.64 -50.58 4.21
CA GLN D 207 31.93 -49.32 4.45
C GLN D 207 30.52 -49.53 4.96
N THR D 208 30.27 -49.13 6.20
CA THR D 208 28.96 -49.26 6.80
C THR D 208 28.13 -48.00 6.56
N TYR D 209 26.87 -48.18 6.18
CA TYR D 209 26.04 -47.07 5.72
C TYR D 209 24.93 -46.66 6.67
N ILE D 210 24.98 -45.42 7.15
CA ILE D 210 23.96 -44.93 8.04
C ILE D 210 23.10 -43.89 7.36
N CYS D 211 21.81 -43.87 7.71
CA CYS D 211 20.95 -42.82 7.22
C CYS D 211 20.37 -42.03 8.39
N ASN D 212 20.52 -40.71 8.30
CA ASN D 212 20.12 -39.81 9.37
C ASN D 212 18.82 -39.15 9.01
N VAL D 213 17.78 -39.40 9.80
CA VAL D 213 16.48 -38.79 9.56
C VAL D 213 16.11 -37.75 10.60
N ASN D 214 15.91 -36.52 10.16
CA ASN D 214 15.54 -35.43 11.05
C ASN D 214 14.13 -34.85 10.82
N HIS D 215 13.23 -35.07 11.77
CA HIS D 215 11.91 -34.46 11.73
C HIS D 215 11.84 -33.36 12.80
N LYS D 216 11.85 -32.10 12.36
CA LYS D 216 12.01 -30.97 13.28
C LYS D 216 10.74 -30.61 14.03
N PRO D 217 9.58 -30.86 13.40
CA PRO D 217 8.25 -30.60 13.99
C PRO D 217 8.00 -31.46 15.22
N SER D 218 8.40 -32.72 15.15
CA SER D 218 8.29 -33.62 16.30
C SER D 218 9.59 -33.58 17.08
N ASN D 219 10.55 -32.84 16.57
CA ASN D 219 11.87 -32.82 17.18
C ASN D 219 12.36 -34.25 17.41
N THR D 220 12.28 -35.06 16.36
CA THR D 220 12.74 -36.44 16.39
C THR D 220 14.08 -36.47 15.68
N LYS D 221 14.86 -37.53 15.87
CA LYS D 221 16.19 -37.62 15.26
C LYS D 221 16.75 -39.04 15.25
N VAL D 222 16.66 -39.72 14.10
CA VAL D 222 17.01 -41.14 13.99
C VAL D 222 18.24 -41.39 13.13
N ASP D 223 18.85 -42.56 13.31
CA ASP D 223 20.01 -42.98 12.52
C ASP D 223 20.02 -44.48 12.23
N LYS D 224 18.91 -45.01 11.75
CA LYS D 224 18.84 -46.43 11.41
C LYS D 224 19.86 -46.78 10.33
N LYS D 225 20.71 -47.75 10.64
CA LYS D 225 21.78 -48.19 9.75
C LYS D 225 21.33 -49.32 8.84
N VAL D 226 21.82 -49.34 7.60
CA VAL D 226 21.43 -50.38 6.66
C VAL D 226 22.48 -51.47 6.44
N GLU D 227 22.04 -52.72 6.49
CA GLU D 227 22.91 -53.88 6.33
C GLU D 227 22.35 -54.87 5.32
N PRO D 228 23.20 -55.80 4.84
CA PRO D 228 22.76 -56.94 4.03
C PRO D 228 21.96 -57.95 4.85
C1 GLC E . -5.04 -21.86 -9.08
C2 GLC E . -3.86 -22.75 -9.45
C3 GLC E . -4.24 -24.23 -9.43
C4 GLC E . -4.87 -24.56 -8.09
C5 GLC E . -6.03 -23.61 -7.82
C6 GLC E . -6.66 -23.92 -6.46
O2 GLC E . -3.32 -22.41 -10.71
O3 GLC E . -3.08 -25.03 -9.62
O4 GLC E . -5.30 -25.90 -8.08
O5 GLC E . -5.59 -22.27 -7.85
O6 GLC E . -7.88 -23.21 -6.31
C1 FRU E . -5.32 -19.74 -11.06
C2 FRU E . -6.48 -20.53 -10.42
C3 FRU E . -7.67 -20.61 -11.38
C4 FRU E . -8.90 -20.36 -10.52
C5 FRU E . -8.37 -19.79 -9.20
C6 FRU E . -8.94 -20.55 -7.99
O1 FRU E . -5.19 -18.44 -10.52
O2 FRU E . -6.04 -21.83 -10.09
O3 FRU E . -7.76 -21.85 -12.03
O4 FRU E . -9.75 -19.44 -11.15
O5 FRU E . -6.95 -19.87 -9.25
O6 FRU E . -10.14 -21.25 -8.46
C1 NAG F . -20.06 48.07 -3.82
C2 NAG F . -20.96 49.21 -3.34
C3 NAG F . -20.35 49.93 -2.14
C4 NAG F . -19.88 48.93 -1.10
C5 NAG F . -18.95 47.91 -1.76
C6 NAG F . -18.35 46.92 -0.75
C7 NAG F . -22.04 49.90 -5.40
C8 NAG F . -21.49 50.00 -6.80
N2 NAG F . -21.20 50.17 -4.41
O3 NAG F . -21.32 50.80 -1.58
O4 NAG F . -19.23 49.59 -0.03
O5 NAG F . -19.68 47.23 -2.75
O6 NAG F . -18.83 45.61 -0.99
O7 NAG F . -23.22 49.58 -5.21
C1 NAG G . -9.88 26.01 -21.64
C2 NAG G . -9.76 24.60 -21.12
C3 NAG G . -9.10 23.64 -22.12
C4 NAG G . -9.73 23.83 -23.49
C5 NAG G . -9.76 25.31 -23.84
C6 NAG G . -10.31 25.57 -25.24
C7 NAG G . -9.43 23.82 -18.88
C8 NAG G . -8.75 23.99 -17.57
N2 NAG G . -9.03 24.61 -19.87
O3 NAG G . -9.35 22.32 -21.74
O4 NAG G . -8.98 23.12 -24.45
O5 NAG G . -10.56 25.95 -22.87
O6 NAG G . -11.41 24.72 -25.48
O7 NAG G . -10.31 22.97 -19.02
C1 NAG H . -15.29 40.67 8.71
C2 NAG H . -16.45 40.73 9.70
C3 NAG H . -16.06 41.41 11.01
C4 NAG H . -14.80 40.79 11.57
C5 NAG H . -13.73 40.81 10.49
C6 NAG H . -12.39 40.31 11.01
C7 NAG H . -18.82 40.95 9.34
C8 NAG H . -19.95 41.95 9.40
N2 NAG H . -17.60 41.41 9.13
O3 NAG H . -17.13 41.29 11.94
O4 NAG H . -14.34 41.50 12.71
O5 NAG H . -14.18 40.07 9.37
O6 NAG H . -12.43 38.90 11.19
O7 NAG H . -19.03 39.74 9.50
C1 NAG I . -7.87 46.43 -17.96
C2 NAG I . -7.67 47.61 -18.90
C3 NAG I . -6.65 48.60 -18.38
C4 NAG I . -7.00 48.98 -16.94
C5 NAG I . -7.26 47.74 -16.11
C6 NAG I . -7.65 48.09 -14.67
C7 NAG I . -8.11 47.37 -21.22
C8 NAG I . -7.60 48.26 -22.32
N2 NAG I . -7.28 47.13 -20.21
O3 NAG I . -6.65 49.75 -19.19
O4 NAG I . -5.92 49.70 -16.39
O5 NAG I . -8.28 46.96 -16.71
O6 NAG I . -6.62 47.76 -13.76
O7 NAG I . -9.28 46.97 -21.19
C1 NAG J . 0.06 28.90 -25.63
C2 NAG J . 1.25 29.83 -25.86
C3 NAG J . 0.84 30.91 -26.85
C4 NAG J . 0.26 30.27 -28.10
C5 NAG J . -0.87 29.32 -27.75
C6 NAG J . -1.45 28.66 -29.01
C7 NAG J . 2.98 30.25 -24.15
C8 NAG J . 3.77 29.11 -24.74
N2 NAG J . 1.72 30.43 -24.62
O3 NAG J . 1.97 31.66 -27.18
O4 NAG J . -0.16 31.25 -29.03
O5 NAG J . -0.35 28.34 -26.88
O6 NAG J . -2.50 27.77 -28.70
O7 NAG J . 3.47 30.94 -23.26
C1 NAG K . 7.72 43.40 -16.25
C2 NAG K . 8.39 43.69 -14.90
C3 NAG K . 9.87 43.33 -14.84
C4 NAG K . 10.13 42.01 -15.55
C5 NAG K . 9.64 42.15 -17.00
C6 NAG K . 10.03 40.96 -17.87
C7 NAG K . 9.21 45.95 -14.53
C8 NAG K . 9.81 46.35 -15.86
N2 NAG K . 8.20 45.09 -14.55
O3 NAG K . 10.29 43.26 -13.49
O4 NAG K . 11.50 41.67 -15.50
O5 NAG K . 8.23 42.28 -16.98
O6 NAG K . 9.25 40.93 -19.04
O7 NAG K . 9.65 46.42 -13.49
C1 NAG L . 8.27 24.42 -5.89
C2 NAG L . 8.73 24.17 -4.45
C3 NAG L . 9.42 25.42 -3.93
C4 NAG L . 10.56 25.66 -4.89
C5 NAG L . 9.91 26.06 -6.20
C6 NAG L . 10.91 26.56 -7.23
C7 NAG L . 6.86 22.69 -3.95
C8 NAG L . 7.58 21.37 -4.14
N2 NAG L . 7.61 23.75 -3.61
O3 NAG L . 9.89 25.24 -2.62
O4 NAG L . 11.41 26.67 -4.41
O5 NAG L . 9.30 24.91 -6.71
O6 NAG L . 10.22 26.74 -8.44
O7 NAG L . 5.64 22.77 -4.12
C1 NAG M . -7.66 32.70 -24.95
C2 NAG M . -8.23 31.85 -26.08
C3 NAG M . -8.07 32.48 -27.47
C4 NAG M . -8.41 33.95 -27.43
C5 NAG M . -7.59 34.63 -26.34
C6 NAG M . -7.85 36.13 -26.31
C7 NAG M . -8.19 29.48 -25.50
C8 NAG M . -7.51 28.17 -25.74
N2 NAG M . -7.59 30.55 -26.03
O3 NAG M . -8.88 31.84 -28.44
O4 NAG M . -8.15 34.53 -28.69
O5 NAG M . -7.97 34.08 -25.09
O6 NAG M . -8.82 36.40 -25.31
O7 NAG M . -9.25 29.55 -24.87
#